data_3TO3
#
_entry.id   3TO3
#
_cell.length_a   64.259
_cell.length_b   155.923
_cell.length_c   156.244
_cell.angle_alpha   90.00
_cell.angle_beta   90.00
_cell.angle_gamma   90.00
#
_symmetry.space_group_name_H-M   'P 21 21 21'
#
loop_
_entity.id
_entity.type
_entity.pdbx_description
1 polymer 'Petrobactin biosynthesis protein AsbB'
2 non-polymer 'CHLORIDE ION'
3 non-polymer 1,2-ETHANEDIOL
4 non-polymer "ADENOSINE-5'-TRIPHOSPHATE"
5 non-polymer 'MAGNESIUM ION'
6 water water
#
_entity_poly.entity_id   1
_entity_poly.type   'polypeptide(L)'
_entity_poly.pdbx_seq_one_letter_code
;SNA(MSE)D(MSE)YHTKILKAIESEDYISVRRRVLRQLVESLIYEGIITPARIEKEEQILFLIQGLDEDNKSVTYECYG
RERITFGRISIDSLIVRVQDGKQEIQSVAQFLEEVFRVVNVEQTKLDSFIHELEQTIFKDTIAQYERCNKLKYTQKSYDE
LENHLIDGHPYHPSYKARIGFQYRDNFRYGYEF(MSE)RPIKLIWIAAHKKNATVGYENEVIYDKILKSEVGERKLEAYK
ERIHS(MSE)GCDPKQYLFIPVHPWQWENFIISNYAEDIQDKGIIYLGESADDYCAQQS(MSE)RTLRNVTNPKRPYVKV
SLNILNTSTLRTLKPYSVASAPAISNWLSNVVSQDSYLRDESRVILLKEFSSV(MSE)YDTNKKATYGSLGCIWRESVHH
YLGEQEDAVPFNGLYAKEKDGTPIIDAWLNKYGIENWLRLLIQKAIIPVIHLVVEHGIALESHGQN(MSE)ILVHKEGLP
VRIALKDFHEGLEFYRPFLKE(MSE)NKCPDFTK(MSE)HKTYANGK(MSE)NDFFE(MSE)DRIECLQE(MSE)VLDAL
FLFNVGELAFVLADKYEWKEESFW(MSE)IVVEEIENHFRKYPHLKDRFESIQLYTPTFYAEQLTKRRLYIDVESLVHEV
PNPLYRARQLNIQKSVATGGNYANCENLYFQ
;
_entity_poly.pdbx_strand_id   A,B
#
loop_
_chem_comp.id
_chem_comp.type
_chem_comp.name
_chem_comp.formula
ATP non-polymer ADENOSINE-5'-TRIPHOSPHATE 'C10 H16 N5 O13 P3'
CL non-polymer 'CHLORIDE ION' 'Cl -1'
EDO non-polymer 1,2-ETHANEDIOL 'C2 H6 O2'
MG non-polymer 'MAGNESIUM ION' 'Mg 2'
#
# COMPACT_ATOMS: atom_id res chain seq x y z
N MSE A 4 19.47 12.16 -6.44
CA MSE A 4 18.44 13.00 -7.07
C MSE A 4 18.85 13.39 -8.50
O MSE A 4 19.60 14.34 -8.72
CB MSE A 4 18.13 14.27 -6.22
CG MSE A 4 17.20 14.11 -4.94
SE MSE A 4 15.89 12.61 -4.86
CE MSE A 4 16.76 11.45 -3.57
N ASP A 5 18.35 12.61 -9.47
CA ASP A 5 18.62 12.78 -10.91
C ASP A 5 17.60 13.61 -11.75
N MSE A 6 17.74 13.53 -13.09
CA MSE A 6 16.88 14.27 -14.02
C MSE A 6 15.38 13.94 -13.90
O MSE A 6 14.54 14.82 -14.14
CB MSE A 6 17.35 14.08 -15.48
CG MSE A 6 17.33 12.61 -15.97
SE MSE A 6 17.21 12.32 -17.93
CE MSE A 6 15.58 13.32 -18.26
N TYR A 7 15.03 12.71 -13.55
CA TYR A 7 13.63 12.31 -13.41
C TYR A 7 13.03 12.96 -12.19
N HIS A 8 13.88 13.20 -11.21
CA HIS A 8 13.50 13.94 -10.03
C HIS A 8 13.18 15.37 -10.42
N THR A 9 14.10 16.00 -11.16
CA THR A 9 13.92 17.36 -11.68
C THR A 9 12.64 17.46 -12.53
N LYS A 10 12.38 16.46 -13.38
CA LYS A 10 11.22 16.46 -14.25
C LYS A 10 9.95 16.53 -13.45
N ILE A 11 9.90 15.70 -12.43
CA ILE A 11 8.71 15.60 -11.61
C ILE A 11 8.41 16.92 -10.96
N LEU A 12 9.43 17.59 -10.41
CA LEU A 12 9.20 18.87 -9.77
C LEU A 12 8.77 19.93 -10.76
N LYS A 13 9.39 19.95 -11.92
CA LYS A 13 8.99 20.93 -12.94
C LYS A 13 7.53 20.69 -13.39
N ALA A 14 7.17 19.43 -13.64
CA ALA A 14 5.81 19.08 -14.03
C ALA A 14 4.79 19.69 -13.06
N ILE A 15 5.02 19.50 -11.76
CA ILE A 15 4.10 20.04 -10.76
C ILE A 15 4.06 21.56 -10.73
N GLU A 16 5.19 22.23 -10.89
CA GLU A 16 5.23 23.71 -10.82
C GLU A 16 4.71 24.38 -12.09
N SER A 17 4.39 23.58 -13.10
CA SER A 17 4.03 24.08 -14.42
C SER A 17 2.53 24.35 -14.54
N GLU A 18 2.14 24.83 -15.72
CA GLU A 18 0.75 25.07 -16.00
C GLU A 18 0.00 23.74 -16.21
N ASP A 19 0.72 22.68 -16.59
CA ASP A 19 0.08 21.37 -16.82
C ASP A 19 -0.55 20.82 -15.54
N TYR A 20 0.03 21.16 -14.39
CA TYR A 20 -0.62 20.80 -13.14
C TYR A 20 -1.98 21.50 -12.99
N ILE A 21 -2.04 22.82 -13.21
CA ILE A 21 -3.34 23.53 -13.13
C ILE A 21 -4.37 22.90 -14.08
N SER A 22 -3.96 22.68 -15.31
CA SER A 22 -4.82 22.19 -16.35
C SER A 22 -5.38 20.81 -16.00
N VAL A 23 -4.50 19.90 -15.59
CA VAL A 23 -4.93 18.58 -15.13
C VAL A 23 -5.86 18.66 -13.89
N ARG A 24 -5.54 19.50 -12.92
CA ARG A 24 -6.43 19.69 -11.79
C ARG A 24 -7.82 20.15 -12.23
N ARG A 25 -7.88 21.20 -13.05
CA ARG A 25 -9.17 21.67 -13.58
C ARG A 25 -9.97 20.54 -14.27
N ARG A 26 -9.28 19.71 -15.05
CA ARG A 26 -9.97 18.61 -15.73
C ARG A 26 -10.54 17.54 -14.77
N VAL A 27 -9.76 17.12 -13.79
CA VAL A 27 -10.25 16.14 -12.83
C VAL A 27 -11.44 16.72 -12.07
N LEU A 28 -11.29 17.95 -11.58
CA LEU A 28 -12.43 18.64 -10.97
C LEU A 28 -13.68 18.71 -11.87
N ARG A 29 -13.50 19.17 -13.10
N ARG A 29 -13.53 19.15 -13.11
CA ARG A 29 -14.58 19.19 -14.09
CA ARG A 29 -14.69 19.18 -14.01
C ARG A 29 -15.29 17.83 -14.16
C ARG A 29 -15.35 17.81 -14.20
N GLN A 30 -14.55 16.79 -14.52
CA GLN A 30 -15.08 15.44 -14.65
C GLN A 30 -15.74 14.91 -13.35
N LEU A 31 -15.10 15.16 -12.22
CA LEU A 31 -15.67 14.82 -10.92
C LEU A 31 -17.06 15.47 -10.78
N VAL A 32 -17.11 16.79 -10.96
CA VAL A 32 -18.38 17.49 -10.73
C VAL A 32 -19.48 17.06 -11.72
N GLU A 33 -19.17 16.93 -13.02
CA GLU A 33 -20.13 16.40 -14.01
C GLU A 33 -20.77 15.10 -13.54
N SER A 34 -19.92 14.24 -13.02
CA SER A 34 -20.31 12.92 -12.59
C SER A 34 -21.21 12.97 -11.32
N LEU A 35 -20.83 13.78 -10.35
CA LEU A 35 -21.65 13.91 -9.12
C LEU A 35 -23.01 14.50 -9.41
N ILE A 36 -23.05 15.47 -10.30
CA ILE A 36 -24.30 16.07 -10.62
C ILE A 36 -25.13 15.11 -11.49
N TYR A 37 -24.50 14.54 -12.50
CA TYR A 37 -25.22 13.67 -13.45
C TYR A 37 -25.91 12.53 -12.70
N GLU A 38 -25.17 11.94 -11.78
CA GLU A 38 -25.62 10.73 -11.11
C GLU A 38 -26.56 11.08 -9.96
N GLY A 39 -26.72 12.37 -9.71
CA GLY A 39 -27.58 12.81 -8.61
C GLY A 39 -27.03 12.50 -7.23
N ILE A 40 -25.72 12.32 -7.15
CA ILE A 40 -25.03 12.10 -5.89
C ILE A 40 -25.09 13.38 -5.06
N ILE A 41 -24.98 14.54 -5.71
CA ILE A 41 -25.22 15.82 -5.08
C ILE A 41 -26.34 16.50 -5.85
N THR A 42 -26.99 17.48 -5.24
CA THR A 42 -28.09 18.11 -5.93
C THR A 42 -28.05 19.62 -5.75
N PRO A 43 -27.22 20.27 -6.57
CA PRO A 43 -27.05 21.72 -6.50
C PRO A 43 -28.34 22.46 -6.81
N ALA A 44 -28.44 23.71 -6.36
CA ALA A 44 -29.46 24.60 -6.86
C ALA A 44 -29.08 24.82 -8.31
N ARG A 45 -30.07 25.07 -9.14
CA ARG A 45 -29.89 25.23 -10.56
C ARG A 45 -30.54 26.51 -10.94
N ILE A 46 -29.74 27.45 -11.41
CA ILE A 46 -30.33 28.65 -11.96
C ILE A 46 -30.14 28.67 -13.45
N GLU A 47 -31.24 28.61 -14.18
CA GLU A 47 -31.24 28.61 -15.63
C GLU A 47 -30.91 29.99 -16.19
N LYS A 48 -30.06 29.99 -17.21
CA LYS A 48 -29.75 31.17 -18.01
C LYS A 48 -30.04 30.67 -19.41
N GLU A 49 -29.78 31.45 -20.44
CA GLU A 49 -30.29 31.09 -21.75
C GLU A 49 -29.84 29.68 -22.20
N GLU A 50 -28.56 29.53 -22.51
CA GLU A 50 -28.01 28.20 -22.77
C GLU A 50 -27.62 27.43 -21.51
N GLN A 51 -27.00 28.12 -20.57
CA GLN A 51 -26.37 27.45 -19.45
C GLN A 51 -27.27 27.21 -18.25
N ILE A 52 -26.70 26.52 -17.28
CA ILE A 52 -27.30 26.36 -15.99
C ILE A 52 -26.20 26.72 -15.05
N LEU A 53 -26.53 27.52 -14.05
CA LEU A 53 -25.60 27.85 -13.00
C LEU A 53 -25.88 26.92 -11.81
N PHE A 54 -24.92 26.10 -11.45
CA PHE A 54 -25.12 25.19 -10.35
C PHE A 54 -24.53 25.79 -9.08
N LEU A 55 -25.24 25.66 -7.96
CA LEU A 55 -24.75 26.08 -6.65
C LEU A 55 -24.68 24.87 -5.72
N ILE A 56 -23.48 24.44 -5.35
CA ILE A 56 -23.34 23.23 -4.59
C ILE A 56 -23.03 23.59 -3.17
N GLN A 57 -23.80 23.06 -2.21
CA GLN A 57 -23.64 23.40 -0.79
C GLN A 57 -22.63 22.51 -0.08
N GLY A 58 -21.88 23.08 0.86
CA GLY A 58 -21.03 22.30 1.72
C GLY A 58 -20.82 22.97 3.07
N LEU A 59 -20.03 22.33 3.93
CA LEU A 59 -19.65 22.95 5.18
C LEU A 59 -18.15 22.78 5.39
N ASP A 60 -17.49 23.82 5.90
CA ASP A 60 -16.06 23.77 6.13
C ASP A 60 -15.74 23.10 7.48
N GLU A 61 -14.44 22.98 7.78
CA GLU A 61 -13.97 22.32 8.99
C GLU A 61 -14.65 22.88 10.25
N ASP A 62 -15.08 24.14 10.16
CA ASP A 62 -15.73 24.87 11.25
C ASP A 62 -17.24 24.72 11.25
N ASN A 63 -17.76 23.86 10.38
CA ASN A 63 -19.18 23.62 10.35
C ASN A 63 -19.96 24.88 9.96
N LYS A 64 -19.38 25.69 9.10
CA LYS A 64 -20.09 26.82 8.52
C LYS A 64 -20.25 26.71 6.98
N SER A 65 -21.25 27.41 6.43
CA SER A 65 -21.66 27.27 5.04
C SER A 65 -20.64 27.68 3.98
N VAL A 66 -20.63 26.95 2.86
CA VAL A 66 -19.84 27.32 1.69
C VAL A 66 -20.57 26.90 0.42
N THR A 67 -20.45 27.71 -0.63
CA THR A 67 -20.99 27.35 -1.94
C THR A 67 -19.90 27.15 -3.01
N TYR A 68 -20.06 26.12 -3.83
CA TYR A 68 -19.25 25.99 -5.04
C TYR A 68 -20.12 26.34 -6.25
N GLU A 69 -19.66 27.31 -7.04
CA GLU A 69 -20.38 27.76 -8.23
C GLU A 69 -19.73 27.25 -9.51
N CYS A 70 -20.52 26.79 -10.44
CA CYS A 70 -19.99 26.54 -11.76
C CYS A 70 -21.13 26.59 -12.77
N TYR A 71 -20.77 26.76 -14.04
CA TYR A 71 -21.73 26.93 -15.14
C TYR A 71 -21.65 25.73 -16.07
N GLY A 72 -22.79 25.31 -16.60
CA GLY A 72 -22.80 24.07 -17.32
C GLY A 72 -24.00 23.88 -18.20
N ARG A 73 -24.17 22.65 -18.69
CA ARG A 73 -25.19 22.32 -19.62
C ARG A 73 -25.71 20.90 -19.35
N GLU A 74 -27.01 20.70 -19.59
CA GLU A 74 -27.60 19.41 -19.45
C GLU A 74 -28.00 19.05 -20.87
N ARG A 75 -27.37 18.02 -21.42
CA ARG A 75 -27.39 17.75 -22.84
C ARG A 75 -28.44 16.74 -23.27
N ILE A 76 -29.01 16.92 -24.46
CA ILE A 76 -29.93 15.91 -24.93
C ILE A 76 -29.24 14.55 -25.07
N THR A 77 -27.91 14.49 -25.00
CA THR A 77 -27.32 13.17 -25.13
C THR A 77 -27.25 12.58 -23.72
N PHE A 78 -28.26 11.74 -23.49
CA PHE A 78 -28.51 11.04 -22.24
C PHE A 78 -28.57 11.95 -21.02
N GLY A 79 -28.82 13.23 -21.25
CA GLY A 79 -28.88 14.20 -20.16
C GLY A 79 -27.53 14.37 -19.47
N ARG A 80 -26.44 14.01 -20.15
CA ARG A 80 -25.11 14.16 -19.59
C ARG A 80 -24.85 15.64 -19.20
N ILE A 81 -24.10 15.85 -18.15
CA ILE A 81 -23.79 17.21 -17.72
C ILE A 81 -22.42 17.62 -18.24
N SER A 82 -22.30 18.77 -18.89
CA SER A 82 -20.99 19.37 -19.14
C SER A 82 -20.82 20.56 -18.23
N ILE A 83 -19.70 20.61 -17.51
CA ILE A 83 -19.34 21.81 -16.77
C ILE A 83 -18.37 22.64 -17.61
N ASP A 84 -18.78 23.87 -17.94
CA ASP A 84 -18.07 24.72 -18.90
C ASP A 84 -17.16 25.76 -18.28
N SER A 85 -17.10 25.84 -16.97
CA SER A 85 -16.37 26.94 -16.34
C SER A 85 -15.43 26.41 -15.25
N LEU A 86 -14.78 27.30 -14.53
CA LEU A 86 -13.99 26.88 -13.38
C LEU A 86 -14.99 26.55 -12.29
N ILE A 87 -14.57 25.74 -11.32
CA ILE A 87 -15.37 25.44 -10.13
C ILE A 87 -14.90 26.36 -9.01
N VAL A 88 -15.75 27.30 -8.61
CA VAL A 88 -15.36 28.39 -7.71
C VAL A 88 -15.90 28.26 -6.27
N ARG A 89 -15.02 28.32 -5.28
N ARG A 89 -15.00 28.34 -5.29
CA ARG A 89 -15.43 28.21 -3.87
CA ARG A 89 -15.36 28.26 -3.88
C ARG A 89 -15.74 29.57 -3.30
C ARG A 89 -15.75 29.62 -3.35
N VAL A 90 -16.97 29.74 -2.84
CA VAL A 90 -17.46 31.03 -2.34
C VAL A 90 -17.62 30.96 -0.83
N GLN A 91 -16.84 31.75 -0.08
CA GLN A 91 -17.11 31.92 1.35
C GLN A 91 -17.28 33.41 1.70
N ASP A 92 -16.17 34.13 1.79
CA ASP A 92 -16.23 35.57 1.65
C ASP A 92 -15.18 35.90 0.63
N GLY A 93 -15.62 36.32 -0.55
CA GLY A 93 -14.75 36.28 -1.70
C GLY A 93 -14.84 34.93 -2.42
N LYS A 94 -14.44 34.96 -3.69
CA LYS A 94 -14.47 33.80 -4.57
C LYS A 94 -13.06 33.38 -4.87
N GLN A 95 -12.82 32.07 -4.92
CA GLN A 95 -11.55 31.54 -5.39
C GLN A 95 -11.72 30.17 -6.04
N GLU A 96 -10.97 29.94 -7.11
CA GLU A 96 -11.02 28.67 -7.80
C GLU A 96 -10.48 27.57 -6.90
N ILE A 97 -11.15 26.43 -6.88
CA ILE A 97 -10.83 25.38 -5.92
C ILE A 97 -9.42 24.81 -6.19
N GLN A 98 -8.58 24.81 -5.14
CA GLN A 98 -7.23 24.26 -5.19
C GLN A 98 -7.03 22.80 -4.73
N SER A 99 -8.01 22.25 -4.03
CA SER A 99 -7.81 20.96 -3.38
C SER A 99 -9.02 20.08 -3.58
N VAL A 100 -8.84 18.95 -4.27
CA VAL A 100 -9.94 18.04 -4.56
C VAL A 100 -10.45 17.49 -3.24
N ALA A 101 -9.52 17.25 -2.35
CA ALA A 101 -9.84 16.70 -1.05
C ALA A 101 -10.77 17.67 -0.31
N GLN A 102 -10.40 18.95 -0.27
CA GLN A 102 -11.20 19.94 0.43
C GLN A 102 -12.61 19.99 -0.18
N PHE A 103 -12.68 20.11 -1.49
CA PHE A 103 -13.95 20.11 -2.19
C PHE A 103 -14.85 18.94 -1.79
N LEU A 104 -14.31 17.73 -1.84
CA LEU A 104 -15.12 16.56 -1.56
C LEU A 104 -15.61 16.50 -0.12
N GLU A 105 -14.74 16.81 0.82
CA GLU A 105 -15.14 16.64 2.20
C GLU A 105 -16.12 17.72 2.65
N GLU A 106 -15.99 18.93 2.12
CA GLU A 106 -16.91 20.02 2.42
C GLU A 106 -18.26 19.65 1.86
N VAL A 107 -18.25 19.15 0.63
CA VAL A 107 -19.47 18.76 -0.04
C VAL A 107 -20.11 17.54 0.62
N PHE A 108 -19.30 16.60 1.12
CA PHE A 108 -19.83 15.41 1.80
C PHE A 108 -20.06 15.52 3.31
N ARG A 109 -19.89 16.71 3.86
CA ARG A 109 -20.41 16.96 5.19
C ARG A 109 -21.92 17.21 5.07
N VAL A 110 -22.31 17.79 3.94
CA VAL A 110 -23.72 18.03 3.64
C VAL A 110 -24.44 16.76 3.17
N VAL A 111 -23.84 16.04 2.24
CA VAL A 111 -24.40 14.77 1.79
C VAL A 111 -23.55 13.68 2.40
N ASN A 112 -24.18 12.62 2.89
CA ASN A 112 -23.42 11.61 3.60
C ASN A 112 -22.90 10.46 2.76
N VAL A 113 -21.64 10.07 3.01
CA VAL A 113 -21.05 8.94 2.33
C VAL A 113 -20.28 8.07 3.32
N GLU A 114 -19.92 6.86 2.91
CA GLU A 114 -19.07 6.05 3.76
C GLU A 114 -17.67 6.67 3.76
N GLN A 115 -17.17 7.04 4.94
CA GLN A 115 -15.91 7.78 5.08
C GLN A 115 -14.70 7.08 4.43
N THR A 116 -14.57 5.79 4.68
CA THR A 116 -13.40 5.08 4.21
C THR A 116 -13.35 5.00 2.69
N LYS A 117 -14.52 5.03 2.07
CA LYS A 117 -14.65 5.06 0.61
C LYS A 117 -14.28 6.45 0.12
N LEU A 118 -14.77 7.48 0.81
CA LEU A 118 -14.39 8.84 0.52
C LEU A 118 -12.85 8.95 0.51
N ASP A 119 -12.21 8.49 1.58
CA ASP A 119 -10.75 8.53 1.68
C ASP A 119 -10.03 7.90 0.49
N SER A 120 -10.37 6.68 0.11
CA SER A 120 -9.71 6.05 -1.05
C SER A 120 -9.94 6.82 -2.34
N PHE A 121 -11.18 7.30 -2.51
CA PHE A 121 -11.58 8.04 -3.70
C PHE A 121 -10.78 9.32 -3.86
N ILE A 122 -10.71 10.09 -2.79
CA ILE A 122 -9.86 11.27 -2.71
C ILE A 122 -8.40 10.96 -3.05
N HIS A 123 -7.88 9.87 -2.52
CA HIS A 123 -6.52 9.46 -2.84
C HIS A 123 -6.32 9.15 -4.34
N GLU A 124 -7.28 8.47 -4.95
CA GLU A 124 -7.28 8.19 -6.37
C GLU A 124 -7.38 9.41 -7.26
N LEU A 125 -8.19 10.39 -6.86
CA LEU A 125 -8.27 11.63 -7.61
C LEU A 125 -6.92 12.35 -7.52
N GLU A 126 -6.36 12.47 -6.32
CA GLU A 126 -5.05 13.13 -6.19
C GLU A 126 -3.97 12.46 -7.06
N GLN A 127 -3.93 11.13 -7.03
CA GLN A 127 -2.94 10.38 -7.79
C GLN A 127 -3.12 10.54 -9.31
N THR A 128 -4.39 10.59 -9.75
CA THR A 128 -4.72 10.88 -11.13
C THR A 128 -4.18 12.26 -11.55
N ILE A 129 -4.39 13.25 -10.71
CA ILE A 129 -3.87 14.56 -11.00
C ILE A 129 -2.35 14.46 -11.13
N PHE A 130 -1.74 13.79 -10.16
CA PHE A 130 -0.29 13.66 -10.09
C PHE A 130 0.26 12.98 -11.33
N LYS A 131 -0.27 11.80 -11.65
CA LYS A 131 0.24 11.02 -12.78
C LYS A 131 -0.10 11.62 -14.13
N ASP A 132 -1.30 12.18 -14.26
CA ASP A 132 -1.62 12.83 -15.51
C ASP A 132 -0.86 14.16 -15.70
N THR A 133 -0.52 14.84 -14.60
CA THR A 133 0.28 16.04 -14.73
C THR A 133 1.59 15.80 -15.47
N ILE A 134 2.33 14.76 -15.09
CA ILE A 134 3.62 14.56 -15.74
C ILE A 134 3.49 13.95 -17.14
N ALA A 135 2.48 13.12 -17.37
CA ALA A 135 2.12 12.73 -18.75
C ALA A 135 1.93 13.98 -19.65
N GLN A 136 1.09 14.90 -19.21
N GLN A 136 1.07 14.90 -19.20
CA GLN A 136 0.83 16.10 -19.99
CA GLN A 136 0.82 16.11 -19.98
C GLN A 136 2.07 16.98 -20.10
C GLN A 136 2.06 16.99 -20.10
N TYR A 137 2.79 17.15 -19.00
CA TYR A 137 4.00 17.96 -19.02
C TYR A 137 5.00 17.37 -20.04
N GLU A 138 5.07 16.04 -20.13
CA GLU A 138 6.01 15.39 -21.03
C GLU A 138 5.67 15.33 -22.53
N ARG A 139 4.42 15.59 -22.92
CA ARG A 139 4.07 15.60 -24.34
C ARG A 139 4.36 16.92 -25.08
N CYS A 140 4.77 16.79 -26.34
CA CYS A 140 5.03 17.91 -27.24
C CYS A 140 3.87 18.92 -27.34
N LYS A 148 -0.60 10.20 -36.82
CA LYS A 148 0.37 9.11 -36.66
C LYS A 148 -0.21 7.74 -37.05
N SER A 149 0.41 6.69 -36.51
CA SER A 149 -0.09 5.34 -36.76
C SER A 149 -0.53 4.62 -35.49
N TYR A 150 -1.06 3.42 -35.69
CA TYR A 150 -1.71 2.70 -34.62
C TYR A 150 -0.89 2.67 -33.32
N ASP A 151 0.29 2.01 -33.37
CA ASP A 151 1.09 1.74 -32.15
C ASP A 151 1.49 3.00 -31.42
N GLU A 152 1.89 4.02 -32.17
CA GLU A 152 2.22 5.29 -31.55
C GLU A 152 0.96 5.91 -30.94
N LEU A 153 -0.11 6.03 -31.73
CA LEU A 153 -1.37 6.64 -31.28
C LEU A 153 -1.89 6.05 -29.98
N GLU A 154 -1.80 4.73 -29.82
CA GLU A 154 -2.23 4.08 -28.57
C GLU A 154 -1.61 4.79 -27.38
N ASN A 155 -0.31 4.99 -27.47
CA ASN A 155 0.44 5.55 -26.37
C ASN A 155 0.31 7.05 -26.25
N HIS A 156 0.34 7.72 -27.39
CA HIS A 156 0.23 9.17 -27.42
C HIS A 156 -1.17 9.70 -27.11
N LEU A 157 -2.21 8.87 -27.06
CA LEU A 157 -3.44 9.42 -26.53
C LEU A 157 -3.24 9.09 -25.08
N ILE A 158 -2.84 10.13 -24.35
CA ILE A 158 -2.40 9.93 -22.98
C ILE A 158 -3.52 10.32 -22.03
N ASP A 159 -4.60 10.85 -22.62
CA ASP A 159 -5.62 11.54 -21.84
C ASP A 159 -6.41 10.59 -20.95
N GLY A 160 -6.73 9.42 -21.49
CA GLY A 160 -7.44 8.39 -20.74
C GLY A 160 -8.93 8.72 -20.66
N HIS A 161 -9.57 8.19 -19.64
CA HIS A 161 -11.01 8.21 -19.57
C HIS A 161 -11.65 9.63 -19.47
N PRO A 162 -12.59 9.93 -20.38
CA PRO A 162 -13.42 11.16 -20.47
C PRO A 162 -14.50 11.29 -19.38
N TYR A 163 -14.82 10.20 -18.70
CA TYR A 163 -15.90 10.19 -17.71
C TYR A 163 -15.39 10.07 -16.27
N HIS A 164 -14.74 8.93 -15.98
CA HIS A 164 -14.22 8.65 -14.64
C HIS A 164 -13.31 9.75 -14.10
N PRO A 165 -13.70 10.34 -12.97
CA PRO A 165 -12.84 11.34 -12.33
C PRO A 165 -11.40 10.81 -12.12
N SER A 166 -11.19 9.61 -11.58
CA SER A 166 -9.81 9.14 -11.59
C SER A 166 -9.58 8.06 -12.63
N TYR A 167 -9.06 8.53 -13.76
CA TYR A 167 -8.73 7.75 -14.91
C TYR A 167 -7.25 7.38 -15.01
N LYS A 168 -6.43 8.04 -14.20
CA LYS A 168 -5.02 7.76 -13.96
C LYS A 168 -4.39 7.20 -12.64
N ALA A 169 -5.16 6.75 -11.67
CA ALA A 169 -4.64 6.60 -10.31
C ALA A 169 -3.34 5.79 -10.09
N ARG A 170 -3.20 4.68 -10.82
CA ARG A 170 -2.01 3.86 -10.76
C ARG A 170 -1.54 3.63 -9.31
N ILE A 171 -2.46 3.19 -8.45
CA ILE A 171 -2.13 3.02 -7.02
C ILE A 171 -1.10 1.88 -6.85
N GLY A 172 -0.02 2.21 -6.18
CA GLY A 172 1.13 1.34 -6.14
C GLY A 172 2.31 1.82 -6.95
N PHE A 173 2.10 2.74 -7.91
CA PHE A 173 3.22 3.41 -8.59
C PHE A 173 3.61 4.73 -7.90
N GLN A 174 4.88 4.85 -7.50
CA GLN A 174 5.41 6.16 -7.15
C GLN A 174 6.05 6.69 -8.44
N TYR A 175 6.66 7.87 -8.39
CA TYR A 175 7.07 8.53 -9.65
C TYR A 175 8.12 7.78 -10.55
N ARG A 176 9.14 7.15 -9.96
CA ARG A 176 10.11 6.42 -10.77
C ARG A 176 9.50 5.20 -11.49
N ASP A 177 8.77 4.34 -10.79
CA ASP A 177 8.08 3.25 -11.49
C ASP A 177 7.16 3.82 -12.58
N ASN A 178 6.42 4.89 -12.27
CA ASN A 178 5.56 5.51 -13.29
C ASN A 178 6.31 5.92 -14.57
N PHE A 179 7.44 6.62 -14.43
CA PHE A 179 8.27 6.93 -15.59
C PHE A 179 8.74 5.69 -16.40
N ARG A 180 9.12 4.64 -15.70
CA ARG A 180 9.53 3.39 -16.28
C ARG A 180 8.49 2.54 -16.99
N TYR A 181 7.33 2.41 -16.38
CA TYR A 181 6.23 1.56 -16.85
C TYR A 181 4.99 2.19 -17.51
N GLY A 182 4.84 3.50 -17.36
CA GLY A 182 3.63 4.17 -17.81
C GLY A 182 3.62 4.14 -19.32
N TYR A 183 2.46 3.83 -19.90
CA TYR A 183 2.41 3.62 -21.32
C TYR A 183 2.74 4.91 -22.09
N GLU A 184 2.57 6.07 -21.44
CA GLU A 184 2.88 7.35 -22.11
C GLU A 184 4.36 7.44 -22.44
N PHE A 185 5.20 6.76 -21.66
CA PHE A 185 6.63 6.93 -21.87
C PHE A 185 7.27 5.96 -22.88
N MSE A 186 6.52 4.92 -23.23
CA MSE A 186 6.96 3.96 -24.25
C MSE A 186 8.38 3.41 -24.06
O MSE A 186 9.15 3.36 -25.00
CB MSE A 186 6.83 4.54 -25.66
CG MSE A 186 5.40 4.92 -25.99
SE MSE A 186 5.23 5.47 -27.86
CE MSE A 186 6.31 7.12 -27.69
N ARG A 187 8.71 3.04 -22.85
CA ARG A 187 10.02 2.43 -22.58
C ARG A 187 9.99 0.94 -22.91
N PRO A 188 10.93 0.47 -23.75
CA PRO A 188 11.01 -1.00 -23.94
C PRO A 188 11.23 -1.74 -22.63
N ILE A 189 10.62 -2.91 -22.46
CA ILE A 189 10.91 -3.78 -21.33
C ILE A 189 10.98 -5.26 -21.70
N LYS A 190 11.53 -6.05 -20.79
CA LYS A 190 11.62 -7.47 -21.03
C LYS A 190 10.70 -8.20 -20.08
N LEU A 191 10.05 -9.26 -20.55
CA LEU A 191 9.24 -10.08 -19.67
C LEU A 191 10.17 -10.98 -18.85
N ILE A 192 9.71 -11.39 -17.69
CA ILE A 192 10.42 -12.36 -16.90
C ILE A 192 9.77 -13.74 -17.21
N TRP A 193 10.54 -14.73 -17.63
CA TRP A 193 10.01 -16.10 -17.79
C TRP A 193 10.20 -16.88 -16.51
N ILE A 194 9.15 -17.50 -16.03
CA ILE A 194 9.30 -18.39 -14.90
C ILE A 194 8.74 -19.76 -15.27
N ALA A 195 9.09 -20.79 -14.52
CA ALA A 195 8.45 -22.08 -14.68
C ALA A 195 7.53 -22.28 -13.46
N ALA A 196 6.33 -22.75 -13.73
CA ALA A 196 5.35 -22.84 -12.68
C ALA A 196 4.93 -24.28 -12.60
N HIS A 197 4.92 -24.83 -11.40
CA HIS A 197 4.60 -26.23 -11.22
C HIS A 197 3.11 -26.57 -11.52
N LYS A 198 2.85 -27.70 -12.19
CA LYS A 198 1.50 -28.07 -12.57
C LYS A 198 0.62 -28.44 -11.38
N LYS A 199 1.16 -28.55 -10.18
CA LYS A 199 0.25 -28.69 -9.05
C LYS A 199 -0.73 -27.48 -9.01
N ASN A 200 -0.15 -26.31 -9.14
CA ASN A 200 -0.95 -25.10 -9.20
C ASN A 200 -1.11 -24.38 -10.51
N ALA A 201 -0.42 -24.82 -11.56
CA ALA A 201 -0.47 -24.13 -12.83
C ALA A 201 -1.28 -24.94 -13.85
N THR A 202 -1.99 -24.25 -14.74
CA THR A 202 -2.87 -24.85 -15.72
C THR A 202 -2.89 -23.97 -16.98
N VAL A 203 -3.00 -24.58 -18.16
CA VAL A 203 -3.18 -23.80 -19.36
C VAL A 203 -4.69 -23.59 -19.45
N GLY A 204 -5.12 -22.78 -20.41
CA GLY A 204 -6.55 -22.51 -20.59
C GLY A 204 -7.26 -23.77 -21.01
N TYR A 205 -8.56 -23.83 -20.72
CA TYR A 205 -9.38 -24.99 -21.02
C TYR A 205 -9.32 -25.42 -22.50
N GLU A 206 -8.99 -26.69 -22.68
CA GLU A 206 -8.85 -27.32 -24.00
C GLU A 206 -7.81 -26.62 -24.86
N ASN A 207 -6.88 -25.96 -24.20
CA ASN A 207 -5.85 -25.15 -24.86
C ASN A 207 -4.47 -25.83 -25.00
N GLU A 208 -4.34 -27.08 -24.58
CA GLU A 208 -2.99 -27.65 -24.42
C GLU A 208 -2.18 -27.71 -25.71
N VAL A 209 -2.78 -28.13 -26.80
CA VAL A 209 -2.02 -28.22 -28.05
C VAL A 209 -1.55 -26.86 -28.51
N ILE A 210 -2.47 -25.91 -28.51
CA ILE A 210 -2.13 -24.56 -28.94
C ILE A 210 -1.05 -23.95 -28.03
N TYR A 211 -1.21 -24.06 -26.72
CA TYR A 211 -0.20 -23.56 -25.79
C TYR A 211 1.20 -24.13 -26.09
N ASP A 212 1.31 -25.46 -26.18
CA ASP A 212 2.60 -26.08 -26.51
C ASP A 212 3.21 -25.52 -27.79
N LYS A 213 2.39 -25.23 -28.80
CA LYS A 213 2.91 -24.62 -30.03
C LYS A 213 3.39 -23.17 -29.85
N ILE A 214 2.66 -22.41 -29.05
CA ILE A 214 2.99 -21.01 -28.84
C ILE A 214 4.25 -20.79 -27.99
N LEU A 215 4.51 -21.69 -27.04
CA LEU A 215 5.81 -21.72 -26.37
C LEU A 215 6.97 -21.85 -27.35
N LYS A 216 6.80 -22.65 -28.39
CA LYS A 216 7.88 -22.86 -29.35
C LYS A 216 8.32 -21.53 -29.93
N SER A 217 7.36 -20.75 -30.43
CA SER A 217 7.66 -19.45 -31.02
C SER A 217 7.92 -18.33 -30.01
N GLU A 218 7.30 -18.40 -28.84
CA GLU A 218 7.45 -17.31 -27.88
C GLU A 218 8.72 -17.34 -27.04
N VAL A 219 9.08 -18.51 -26.54
CA VAL A 219 10.29 -18.66 -25.77
C VAL A 219 11.47 -18.80 -26.68
N GLY A 220 11.25 -19.57 -27.73
CA GLY A 220 12.27 -20.06 -28.66
C GLY A 220 12.63 -21.51 -28.30
N GLU A 221 12.88 -22.33 -29.31
CA GLU A 221 13.09 -23.77 -29.12
C GLU A 221 14.35 -24.17 -28.32
N ARG A 222 15.50 -23.70 -28.78
CA ARG A 222 16.74 -23.87 -28.05
C ARG A 222 16.66 -23.31 -26.64
N LYS A 223 16.07 -22.11 -26.47
CA LYS A 223 16.12 -21.47 -25.17
C LYS A 223 15.27 -22.26 -24.18
N LEU A 224 14.25 -22.91 -24.72
CA LEU A 224 13.33 -23.70 -23.92
C LEU A 224 14.02 -24.96 -23.43
N GLU A 225 14.72 -25.64 -24.34
CA GLU A 225 15.57 -26.75 -23.95
C GLU A 225 16.53 -26.31 -22.86
N ALA A 226 17.21 -25.19 -23.07
CA ALA A 226 18.18 -24.74 -22.05
C ALA A 226 17.52 -24.50 -20.70
N TYR A 227 16.29 -23.98 -20.71
CA TYR A 227 15.51 -23.77 -19.48
C TYR A 227 15.23 -25.12 -18.80
N LYS A 228 14.94 -26.12 -19.61
CA LYS A 228 14.63 -27.41 -19.03
C LYS A 228 15.86 -28.05 -18.43
N GLU A 229 17.00 -27.89 -19.10
CA GLU A 229 18.23 -28.38 -18.51
C GLU A 229 18.44 -27.74 -17.16
N ARG A 230 18.12 -26.45 -17.02
CA ARG A 230 18.38 -25.77 -15.74
C ARG A 230 17.48 -26.30 -14.63
N ILE A 231 16.24 -26.58 -15.00
CA ILE A 231 15.30 -27.24 -14.14
C ILE A 231 15.81 -28.62 -13.70
N HIS A 232 16.24 -29.43 -14.65
CA HIS A 232 16.89 -30.70 -14.29
C HIS A 232 18.08 -30.46 -13.37
N SER A 233 18.90 -29.46 -13.68
CA SER A 233 20.10 -29.20 -12.84
C SER A 233 19.79 -28.77 -11.39
N MSE A 234 18.53 -28.44 -11.09
CA MSE A 234 18.08 -28.27 -9.70
C MSE A 234 17.44 -29.53 -9.06
O MSE A 234 16.95 -29.46 -7.93
CB MSE A 234 17.04 -27.19 -9.61
CG MSE A 234 17.56 -25.86 -10.00
SE MSE A 234 16.02 -24.75 -10.40
CE MSE A 234 16.98 -23.48 -11.55
N GLY A 235 17.37 -30.63 -9.77
CA GLY A 235 16.75 -31.79 -9.17
C GLY A 235 15.25 -31.74 -9.29
N CYS A 236 14.77 -31.05 -10.32
CA CYS A 236 13.35 -30.91 -10.57
C CYS A 236 13.02 -31.48 -11.94
N ASP A 237 11.79 -31.89 -12.11
CA ASP A 237 11.42 -32.55 -13.33
C ASP A 237 10.66 -31.57 -14.23
N PRO A 238 11.31 -31.17 -15.33
CA PRO A 238 10.67 -30.21 -16.24
C PRO A 238 9.28 -30.62 -16.72
N LYS A 239 9.00 -31.91 -16.90
CA LYS A 239 7.67 -32.32 -17.34
C LYS A 239 6.56 -31.87 -16.39
N GLN A 240 6.93 -31.55 -15.15
N GLN A 240 6.91 -31.55 -15.15
CA GLN A 240 5.96 -31.17 -14.12
CA GLN A 240 5.91 -31.16 -14.16
C GLN A 240 5.68 -29.66 -14.11
C GLN A 240 5.62 -29.66 -14.14
N TYR A 241 6.19 -28.93 -15.09
CA TYR A 241 6.09 -27.46 -15.12
C TYR A 241 5.47 -26.88 -16.38
N LEU A 242 4.74 -25.76 -16.23
CA LEU A 242 4.36 -24.94 -17.36
C LEU A 242 5.24 -23.68 -17.33
N PHE A 243 5.12 -22.83 -18.35
CA PHE A 243 5.99 -21.66 -18.49
C PHE A 243 5.17 -20.39 -18.68
N ILE A 244 5.36 -19.40 -17.81
CA ILE A 244 4.50 -18.21 -17.83
C ILE A 244 5.36 -16.95 -17.89
N PRO A 245 5.01 -16.01 -18.77
CA PRO A 245 5.75 -14.72 -18.71
C PRO A 245 5.15 -13.80 -17.65
N VAL A 246 5.96 -12.96 -17.03
CA VAL A 246 5.55 -12.13 -15.92
C VAL A 246 6.04 -10.71 -16.19
N HIS A 247 5.15 -9.73 -15.97
CA HIS A 247 5.55 -8.33 -16.00
C HIS A 247 6.65 -8.09 -14.98
N PRO A 248 7.72 -7.42 -15.41
CA PRO A 248 8.91 -7.25 -14.55
C PRO A 248 8.62 -6.46 -13.30
N TRP A 249 7.68 -5.52 -13.35
CA TRP A 249 7.23 -4.83 -12.12
C TRP A 249 6.57 -5.83 -11.17
N GLN A 250 5.58 -6.56 -11.70
CA GLN A 250 4.89 -7.64 -10.99
C GLN A 250 5.90 -8.58 -10.37
N TRP A 251 6.87 -9.01 -11.17
CA TRP A 251 7.90 -9.92 -10.66
C TRP A 251 8.68 -9.37 -9.45
N GLU A 252 9.29 -8.21 -9.66
CA GLU A 252 10.09 -7.60 -8.60
C GLU A 252 9.29 -7.10 -7.41
N ASN A 253 8.10 -6.55 -7.63
CA ASN A 253 7.36 -5.96 -6.50
C ASN A 253 6.23 -6.77 -5.89
N PHE A 254 5.88 -7.87 -6.52
CA PHE A 254 4.77 -8.61 -6.03
C PHE A 254 5.06 -10.10 -5.88
N ILE A 255 5.40 -10.76 -6.98
CA ILE A 255 5.66 -12.22 -6.92
C ILE A 255 6.76 -12.65 -5.94
N ILE A 256 7.94 -12.04 -6.05
CA ILE A 256 9.08 -12.39 -5.19
C ILE A 256 8.74 -12.33 -3.70
N SER A 257 8.07 -11.26 -3.25
CA SER A 257 7.69 -11.15 -1.83
C SER A 257 6.49 -11.99 -1.43
N ASN A 258 5.49 -12.08 -2.30
CA ASN A 258 4.30 -12.85 -1.95
C ASN A 258 4.31 -14.35 -2.26
N TYR A 259 5.21 -14.77 -3.15
CA TYR A 259 5.43 -16.20 -3.49
C TYR A 259 6.64 -16.90 -2.88
N ALA A 260 7.29 -16.24 -1.94
CA ALA A 260 8.58 -16.69 -1.47
C ALA A 260 8.49 -18.20 -1.17
N GLU A 261 7.37 -18.62 -0.58
CA GLU A 261 7.19 -20.00 -0.18
C GLU A 261 7.28 -20.95 -1.41
N ASP A 262 6.70 -20.51 -2.52
CA ASP A 262 6.70 -21.27 -3.77
C ASP A 262 8.09 -21.21 -4.40
N ILE A 263 8.79 -20.11 -4.18
CA ILE A 263 10.12 -20.04 -4.74
C ILE A 263 10.99 -21.00 -3.97
N GLN A 264 10.80 -21.08 -2.65
CA GLN A 264 11.69 -21.94 -1.84
C GLN A 264 11.49 -23.42 -2.19
N ASP A 265 10.25 -23.81 -2.46
CA ASP A 265 9.93 -25.21 -2.74
C ASP A 265 9.88 -25.55 -4.22
N LYS A 266 10.29 -24.60 -5.07
CA LYS A 266 10.32 -24.79 -6.53
C LYS A 266 8.94 -24.95 -7.20
N GLY A 267 7.88 -24.47 -6.54
CA GLY A 267 6.61 -24.30 -7.23
C GLY A 267 6.78 -23.26 -8.32
N ILE A 268 7.74 -22.38 -8.13
CA ILE A 268 8.03 -21.33 -9.09
C ILE A 268 9.54 -21.26 -9.25
N ILE A 269 9.99 -21.23 -10.49
CA ILE A 269 11.42 -21.17 -10.75
C ILE A 269 11.70 -20.02 -11.69
N TYR A 270 12.57 -19.12 -11.25
CA TYR A 270 12.98 -18.01 -12.09
C TYR A 270 13.81 -18.55 -13.24
N LEU A 271 13.46 -18.18 -14.46
CA LEU A 271 14.18 -18.68 -15.66
C LEU A 271 15.08 -17.61 -16.26
N GLY A 272 14.49 -16.49 -16.65
CA GLY A 272 15.26 -15.34 -17.10
C GLY A 272 14.39 -14.42 -17.92
N GLU A 273 15.01 -13.64 -18.79
CA GLU A 273 14.33 -12.56 -19.47
C GLU A 273 14.01 -12.89 -20.91
N SER A 274 12.95 -12.31 -21.44
CA SER A 274 12.53 -12.58 -22.81
C SER A 274 13.61 -12.11 -23.73
N ALA A 275 13.74 -12.80 -24.85
CA ALA A 275 14.67 -12.39 -25.88
C ALA A 275 14.23 -11.07 -26.51
N ASP A 276 12.93 -10.97 -26.79
CA ASP A 276 12.37 -9.78 -27.42
C ASP A 276 12.10 -8.64 -26.42
N ASP A 277 12.12 -7.40 -26.92
CA ASP A 277 11.63 -6.25 -26.14
C ASP A 277 10.14 -6.03 -26.33
N TYR A 278 9.48 -5.60 -25.26
CA TYR A 278 8.07 -5.31 -25.30
C TYR A 278 7.75 -3.86 -24.88
N CYS A 279 6.55 -3.42 -25.22
CA CYS A 279 6.16 -2.07 -24.94
C CYS A 279 4.69 -1.98 -24.52
N ALA A 280 4.40 -1.27 -23.44
CA ALA A 280 3.03 -1.12 -22.96
C ALA A 280 2.06 -0.42 -23.95
N GLN A 281 0.80 -0.85 -23.89
CA GLN A 281 -0.34 -0.19 -24.54
C GLN A 281 -1.21 0.58 -23.53
N GLN A 282 -2.30 1.16 -24.01
CA GLN A 282 -3.14 1.96 -23.15
C GLN A 282 -3.48 1.22 -21.86
N SER A 283 -3.47 -0.11 -21.93
CA SER A 283 -3.88 -0.99 -20.83
C SER A 283 -2.78 -1.14 -19.82
N MSE A 284 -1.56 -1.19 -20.33
CA MSE A 284 -0.34 -1.28 -19.54
C MSE A 284 -0.01 -2.67 -18.93
O MSE A 284 1.16 -2.99 -18.72
CB MSE A 284 -0.51 -0.35 -18.37
CG MSE A 284 0.74 -0.04 -17.66
SE MSE A 284 0.57 1.75 -16.89
CE MSE A 284 1.96 1.42 -15.58
N ARG A 285 -1.00 -3.51 -18.79
CA ARG A 285 -0.78 -4.89 -18.44
C ARG A 285 -0.77 -5.64 -19.78
N THR A 286 -0.88 -4.87 -20.86
CA THR A 286 -0.94 -5.43 -22.21
C THR A 286 0.22 -4.91 -23.04
N LEU A 287 1.11 -5.81 -23.45
CA LEU A 287 2.35 -5.41 -24.06
C LEU A 287 2.48 -5.94 -25.48
N ARG A 288 2.95 -5.09 -26.37
CA ARG A 288 3.27 -5.46 -27.75
C ARG A 288 4.73 -5.81 -27.89
N ASN A 289 5.02 -6.76 -28.76
CA ASN A 289 6.37 -7.15 -29.03
C ASN A 289 6.96 -6.11 -30.00
N VAL A 290 7.98 -5.40 -29.55
CA VAL A 290 8.60 -4.34 -30.32
C VAL A 290 9.56 -4.92 -31.34
N THR A 291 10.28 -5.95 -30.93
CA THR A 291 11.25 -6.62 -31.79
C THR A 291 10.56 -7.20 -33.04
N ASN A 292 9.44 -7.88 -32.82
CA ASN A 292 8.66 -8.53 -33.89
C ASN A 292 7.16 -8.17 -33.81
N PRO A 293 6.74 -7.09 -34.49
CA PRO A 293 5.36 -6.62 -34.35
C PRO A 293 4.25 -7.58 -34.89
N LYS A 294 4.56 -8.59 -35.69
CA LYS A 294 3.54 -9.57 -36.04
C LYS A 294 3.20 -10.53 -34.88
N ARG A 295 4.13 -10.68 -33.93
CA ARG A 295 3.93 -11.60 -32.81
C ARG A 295 2.80 -11.15 -31.88
N PRO A 296 2.25 -12.08 -31.11
CA PRO A 296 1.04 -11.74 -30.34
C PRO A 296 1.37 -10.74 -29.23
N TYR A 297 0.35 -10.02 -28.77
CA TYR A 297 0.48 -9.18 -27.60
C TYR A 297 0.41 -10.17 -26.45
N VAL A 298 0.90 -9.74 -25.29
CA VAL A 298 0.75 -10.49 -24.08
C VAL A 298 0.03 -9.64 -23.05
N LYS A 299 -0.96 -10.22 -22.40
CA LYS A 299 -1.69 -9.54 -21.37
C LYS A 299 -1.43 -10.28 -20.07
N VAL A 300 -0.80 -9.60 -19.12
CA VAL A 300 -0.27 -10.24 -17.93
C VAL A 300 -0.79 -9.60 -16.66
N SER A 301 -0.79 -10.37 -15.57
CA SER A 301 -1.24 -9.86 -14.29
C SER A 301 -0.47 -8.62 -13.81
N LEU A 302 -1.14 -7.60 -13.28
CA LEU A 302 -0.39 -6.54 -12.62
C LEU A 302 -1.06 -6.06 -11.33
N ASN A 303 -0.39 -6.09 -10.17
CA ASN A 303 -1.19 -5.71 -9.03
C ASN A 303 -0.97 -4.24 -8.77
N ILE A 304 -1.88 -3.50 -9.36
CA ILE A 304 -1.83 -2.06 -9.43
C ILE A 304 -3.29 -1.65 -9.52
N LEU A 305 -3.61 -0.57 -8.84
CA LEU A 305 -4.99 -0.15 -8.78
C LEU A 305 -5.26 1.02 -9.74
N ASN A 306 -5.97 0.73 -10.82
CA ASN A 306 -6.32 1.75 -11.80
C ASN A 306 -7.83 1.74 -12.06
N THR A 307 -8.47 2.89 -11.80
CA THR A 307 -9.93 3.04 -11.86
C THR A 307 -10.67 2.17 -10.81
N SER A 308 -10.14 2.19 -9.58
CA SER A 308 -10.75 1.53 -8.42
C SER A 308 -10.65 -0.01 -8.35
N THR A 309 -10.08 -0.63 -9.39
CA THR A 309 -9.92 -2.09 -9.43
C THR A 309 -8.46 -2.56 -9.65
N LEU A 310 -8.02 -3.57 -8.91
CA LEU A 310 -6.75 -4.23 -9.21
C LEU A 310 -6.73 -4.83 -10.63
N ARG A 311 -5.55 -4.76 -11.24
CA ARG A 311 -5.24 -5.13 -12.64
C ARG A 311 -4.83 -6.61 -12.80
N THR A 312 -5.08 -7.35 -11.74
CA THR A 312 -5.11 -8.81 -11.78
C THR A 312 -6.03 -9.41 -12.87
N LEU A 313 -5.62 -10.58 -13.35
CA LEU A 313 -6.43 -11.44 -14.22
C LEU A 313 -7.15 -12.53 -13.39
N LYS A 314 -8.47 -12.50 -13.33
CA LYS A 314 -9.23 -13.55 -12.64
C LYS A 314 -8.89 -14.94 -13.17
N PRO A 315 -8.64 -15.91 -12.28
CA PRO A 315 -8.33 -17.28 -12.70
C PRO A 315 -9.41 -17.94 -13.61
N TYR A 316 -10.68 -17.83 -13.24
CA TYR A 316 -11.71 -18.42 -14.09
C TYR A 316 -11.71 -17.77 -15.49
N SER A 317 -11.38 -16.49 -15.52
CA SER A 317 -11.44 -15.72 -16.75
C SER A 317 -10.28 -16.10 -17.72
N VAL A 318 -9.08 -16.22 -17.16
CA VAL A 318 -7.92 -16.74 -17.88
C VAL A 318 -8.17 -18.15 -18.41
N ALA A 319 -8.78 -18.99 -17.57
CA ALA A 319 -9.06 -20.34 -17.97
C ALA A 319 -9.87 -20.36 -19.28
N SER A 320 -10.90 -19.51 -19.35
CA SER A 320 -11.86 -19.58 -20.42
C SER A 320 -11.55 -18.69 -21.65
N ALA A 321 -10.51 -17.89 -21.60
CA ALA A 321 -10.31 -16.95 -22.70
C ALA A 321 -10.21 -17.58 -24.10
N PRO A 322 -9.36 -18.60 -24.26
CA PRO A 322 -9.24 -19.27 -25.56
C PRO A 322 -10.55 -19.89 -26.07
N ALA A 323 -11.29 -20.57 -25.19
CA ALA A 323 -12.56 -21.18 -25.60
C ALA A 323 -13.57 -20.11 -26.01
N ILE A 324 -13.55 -18.98 -25.31
CA ILE A 324 -14.41 -17.89 -25.68
C ILE A 324 -14.06 -17.28 -27.04
N SER A 325 -12.78 -17.04 -27.32
CA SER A 325 -12.36 -16.50 -28.63
C SER A 325 -12.67 -17.46 -29.79
N ASN A 326 -12.57 -18.76 -29.52
N ASN A 326 -12.56 -18.77 -29.54
CA ASN A 326 -12.87 -19.74 -30.54
CA ASN A 326 -12.88 -19.75 -30.57
C ASN A 326 -14.36 -19.80 -30.83
C ASN A 326 -14.37 -19.80 -30.85
N TRP A 327 -15.16 -19.69 -29.79
CA TRP A 327 -16.61 -19.64 -29.92
C TRP A 327 -17.11 -18.44 -30.75
N LEU A 328 -16.67 -17.25 -30.38
CA LEU A 328 -16.99 -15.99 -31.07
C LEU A 328 -16.55 -15.96 -32.52
N SER A 329 -15.37 -16.48 -32.77
CA SER A 329 -14.81 -16.53 -34.11
C SER A 329 -15.65 -17.41 -34.99
N ASN A 330 -16.18 -18.51 -34.44
CA ASN A 330 -17.09 -19.35 -35.24
C ASN A 330 -18.40 -18.62 -35.52
N VAL A 331 -18.93 -17.95 -34.49
CA VAL A 331 -20.19 -17.28 -34.68
C VAL A 331 -20.10 -16.31 -35.86
N VAL A 332 -19.06 -15.48 -35.84
CA VAL A 332 -18.83 -14.49 -36.87
C VAL A 332 -18.58 -15.09 -38.22
N SER A 333 -17.90 -16.23 -38.25
CA SER A 333 -17.53 -16.81 -39.52
C SER A 333 -18.72 -17.44 -40.24
N GLN A 334 -19.79 -17.75 -39.50
CA GLN A 334 -20.99 -18.29 -40.13
C GLN A 334 -22.04 -17.22 -40.43
N ASP A 335 -21.68 -15.98 -40.18
CA ASP A 335 -22.59 -14.87 -40.40
C ASP A 335 -22.09 -14.06 -41.59
N SER A 336 -22.86 -14.09 -42.67
CA SER A 336 -22.54 -13.45 -43.93
C SER A 336 -22.33 -11.96 -43.81
N TYR A 337 -23.19 -11.28 -43.08
CA TYR A 337 -22.98 -9.85 -42.86
C TYR A 337 -21.67 -9.57 -42.15
N LEU A 338 -21.48 -10.16 -40.98
CA LEU A 338 -20.28 -9.88 -40.19
C LEU A 338 -18.97 -10.31 -40.89
N ARG A 339 -19.00 -11.46 -41.55
CA ARG A 339 -17.85 -12.01 -42.29
C ARG A 339 -17.52 -11.28 -43.61
N ASP A 340 -18.53 -11.21 -44.48
CA ASP A 340 -18.45 -10.57 -45.81
C ASP A 340 -18.71 -9.05 -45.96
N GLU A 341 -19.70 -8.53 -45.26
CA GLU A 341 -20.12 -7.14 -45.49
C GLU A 341 -19.36 -6.17 -44.58
N SER A 342 -19.59 -6.27 -43.28
CA SER A 342 -18.89 -5.39 -42.34
C SER A 342 -17.42 -5.82 -42.08
N ARG A 343 -17.11 -7.09 -42.39
CA ARG A 343 -15.77 -7.66 -42.16
C ARG A 343 -15.16 -7.39 -40.77
N VAL A 344 -15.95 -7.62 -39.73
CA VAL A 344 -15.53 -7.37 -38.36
C VAL A 344 -14.24 -8.16 -38.03
N ILE A 345 -13.36 -7.58 -37.21
CA ILE A 345 -12.14 -8.27 -36.82
C ILE A 345 -12.17 -8.58 -35.32
N LEU A 346 -12.02 -9.84 -34.94
CA LEU A 346 -11.90 -10.16 -33.52
C LEU A 346 -10.45 -10.53 -33.19
N LEU A 347 -9.84 -9.87 -32.22
CA LEU A 347 -8.44 -10.19 -31.97
C LEU A 347 -8.51 -11.31 -30.96
N LYS A 348 -8.16 -12.50 -31.42
CA LYS A 348 -8.41 -13.68 -30.63
C LYS A 348 -7.45 -13.76 -29.44
N GLU A 349 -8.01 -14.07 -28.28
CA GLU A 349 -7.16 -14.40 -27.18
C GLU A 349 -7.07 -15.90 -27.29
N PHE A 350 -5.95 -16.33 -27.88
CA PHE A 350 -5.90 -17.70 -28.34
C PHE A 350 -5.12 -18.70 -27.49
N SER A 351 -4.46 -18.23 -26.44
CA SER A 351 -3.78 -19.12 -25.51
C SER A 351 -3.66 -18.43 -24.18
N SER A 352 -3.62 -19.19 -23.10
CA SER A 352 -3.59 -18.57 -21.79
C SER A 352 -2.96 -19.56 -20.83
N VAL A 353 -2.35 -19.05 -19.75
CA VAL A 353 -1.81 -19.95 -18.76
C VAL A 353 -1.77 -19.23 -17.41
N MSE A 354 -1.84 -19.98 -16.33
CA MSE A 354 -1.85 -19.34 -15.04
C MSE A 354 -1.37 -20.26 -13.93
O MSE A 354 -1.37 -21.49 -14.06
CB MSE A 354 -3.27 -18.87 -14.71
CG MSE A 354 -4.14 -20.03 -14.17
SE MSE A 354 -5.97 -19.44 -14.15
CE MSE A 354 -6.80 -21.15 -14.67
N TYR A 355 -1.02 -19.63 -12.83
CA TYR A 355 -0.63 -20.31 -11.61
C TYR A 355 -1.57 -19.76 -10.56
N ASP A 356 -2.43 -20.62 -10.03
CA ASP A 356 -3.44 -20.14 -9.11
C ASP A 356 -3.46 -21.05 -7.88
N THR A 357 -3.11 -20.50 -6.74
CA THR A 357 -3.17 -21.22 -5.48
C THR A 357 -4.45 -20.80 -4.82
N ASN A 358 -4.70 -21.37 -3.65
CA ASN A 358 -5.91 -21.02 -2.94
C ASN A 358 -5.95 -19.53 -2.58
N LYS A 359 -4.81 -18.99 -2.13
CA LYS A 359 -4.73 -17.73 -1.36
C LYS A 359 -5.48 -16.52 -1.94
N LYS A 360 -6.14 -15.81 -1.04
CA LYS A 360 -6.96 -14.66 -1.38
C LYS A 360 -6.10 -13.47 -1.83
N ALA A 361 -4.96 -13.30 -1.15
CA ALA A 361 -4.06 -12.15 -1.35
C ALA A 361 -3.41 -12.11 -2.75
N THR A 362 -3.10 -13.27 -3.27
CA THR A 362 -2.48 -13.46 -4.57
C THR A 362 -3.45 -13.79 -5.70
N TYR A 363 -4.74 -13.75 -5.40
CA TYR A 363 -5.75 -14.13 -6.37
C TYR A 363 -5.56 -13.40 -7.70
N GLY A 364 -5.45 -14.16 -8.79
CA GLY A 364 -5.32 -13.56 -10.12
C GLY A 364 -4.01 -12.82 -10.43
N SER A 365 -3.04 -12.97 -9.53
CA SER A 365 -1.75 -12.28 -9.62
C SER A 365 -0.72 -12.86 -10.60
N LEU A 366 -0.86 -14.11 -11.02
CA LEU A 366 0.05 -14.62 -12.02
C LEU A 366 -0.62 -15.39 -13.17
N GLY A 367 -0.77 -14.74 -14.30
CA GLY A 367 -1.56 -15.31 -15.36
C GLY A 367 -1.20 -14.56 -16.60
N CYS A 368 -1.44 -15.19 -17.74
CA CYS A 368 -1.09 -14.56 -18.99
C CYS A 368 -2.05 -15.02 -20.08
N ILE A 369 -2.39 -14.10 -20.97
CA ILE A 369 -3.22 -14.35 -22.13
C ILE A 369 -2.52 -13.77 -23.35
N TRP A 370 -2.44 -14.53 -24.43
CA TRP A 370 -1.82 -14.05 -25.65
C TRP A 370 -2.94 -13.65 -26.58
N ARG A 371 -2.75 -12.52 -27.27
N ARG A 371 -2.75 -12.54 -27.28
CA ARG A 371 -3.77 -12.01 -28.19
CA ARG A 371 -3.76 -12.12 -28.22
C ARG A 371 -3.11 -11.64 -29.51
C ARG A 371 -3.12 -11.66 -29.52
N GLU A 372 -3.85 -11.82 -30.61
CA GLU A 372 -3.36 -11.49 -31.94
C GLU A 372 -3.07 -10.03 -32.08
N SER A 373 -1.98 -9.76 -32.79
CA SER A 373 -1.68 -8.40 -33.20
C SER A 373 -2.70 -7.98 -34.22
N VAL A 374 -3.13 -6.71 -34.15
CA VAL A 374 -3.96 -6.11 -35.19
C VAL A 374 -3.18 -5.96 -36.50
N HIS A 375 -1.88 -6.21 -36.43
CA HIS A 375 -1.02 -6.12 -37.62
C HIS A 375 -1.15 -7.36 -38.50
N HIS A 376 -1.50 -8.47 -37.87
CA HIS A 376 -1.95 -9.64 -38.61
C HIS A 376 -3.05 -9.26 -39.62
N TYR A 377 -4.04 -8.46 -39.20
CA TYR A 377 -5.21 -8.12 -40.05
C TYR A 377 -5.13 -6.90 -40.99
N LEU A 378 -4.20 -5.98 -40.80
CA LEU A 378 -4.25 -4.72 -41.57
C LEU A 378 -3.77 -4.94 -43.00
N GLY A 379 -4.62 -4.62 -43.97
CA GLY A 379 -4.19 -4.70 -45.35
C GLY A 379 -3.25 -3.55 -45.66
N GLU A 380 -2.57 -3.60 -46.79
CA GLU A 380 -1.76 -2.45 -47.16
C GLU A 380 -2.69 -1.30 -47.47
N GLN A 381 -2.17 -0.09 -47.27
CA GLN A 381 -2.95 1.12 -47.39
C GLN A 381 -3.84 1.40 -46.18
N GLU A 382 -4.04 0.38 -45.35
CA GLU A 382 -4.92 0.49 -44.17
C GLU A 382 -4.12 0.86 -42.93
N ASP A 383 -4.72 1.67 -42.07
CA ASP A 383 -4.10 2.06 -40.81
C ASP A 383 -5.17 1.87 -39.75
N ALA A 384 -4.79 2.00 -38.50
CA ALA A 384 -5.74 1.82 -37.43
C ALA A 384 -5.62 2.93 -36.38
N VAL A 385 -6.72 3.22 -35.71
CA VAL A 385 -6.71 4.15 -34.58
C VAL A 385 -7.61 3.58 -33.48
N PRO A 386 -7.21 3.73 -32.21
CA PRO A 386 -8.07 3.28 -31.10
C PRO A 386 -9.35 4.08 -31.11
N PHE A 387 -10.48 3.42 -30.89
CA PHE A 387 -11.78 4.07 -31.06
C PHE A 387 -11.97 5.29 -30.15
N ASN A 388 -11.47 5.25 -28.93
CA ASN A 388 -11.53 6.44 -28.07
C ASN A 388 -10.64 7.58 -28.58
N GLY A 389 -9.78 7.29 -29.55
CA GLY A 389 -9.05 8.34 -30.23
C GLY A 389 -9.91 9.23 -31.10
N LEU A 390 -11.05 8.73 -31.55
CA LEU A 390 -11.90 9.54 -32.43
C LEU A 390 -12.48 10.78 -31.78
N TYR A 391 -12.67 10.74 -30.46
CA TYR A 391 -13.04 11.94 -29.72
C TYR A 391 -11.91 12.62 -28.99
N ALA A 392 -10.68 12.14 -29.16
CA ALA A 392 -9.54 12.81 -28.52
C ALA A 392 -9.19 14.19 -29.11
N LYS A 393 -8.46 15.00 -28.34
CA LYS A 393 -8.04 16.32 -28.80
C LYS A 393 -6.53 16.54 -28.64
N GLU A 394 -5.98 17.45 -29.43
CA GLU A 394 -4.58 17.86 -29.31
C GLU A 394 -4.44 18.79 -28.11
N LYS A 395 -3.21 18.95 -27.61
CA LYS A 395 -2.96 19.80 -26.45
C LYS A 395 -3.67 21.14 -26.61
N ASP A 396 -3.72 21.68 -27.82
CA ASP A 396 -4.41 22.95 -28.05
C ASP A 396 -5.91 22.83 -28.26
N GLY A 397 -6.44 21.61 -28.15
CA GLY A 397 -7.88 21.40 -28.16
C GLY A 397 -8.52 21.14 -29.51
N THR A 398 -7.69 20.86 -30.50
CA THR A 398 -8.20 20.55 -31.83
C THR A 398 -8.51 19.06 -31.88
N PRO A 399 -9.72 18.72 -32.32
CA PRO A 399 -10.10 17.32 -32.54
C PRO A 399 -9.08 16.63 -33.44
N ILE A 400 -8.62 15.47 -33.00
CA ILE A 400 -7.62 14.67 -33.69
C ILE A 400 -8.15 14.22 -35.07
N ILE A 401 -9.45 14.15 -35.22
CA ILE A 401 -10.06 13.81 -36.52
C ILE A 401 -10.35 15.03 -37.41
N ASP A 402 -9.90 16.21 -36.99
CA ASP A 402 -10.17 17.44 -37.75
C ASP A 402 -9.85 17.34 -39.25
N ALA A 403 -8.64 16.92 -39.60
CA ALA A 403 -8.27 16.86 -41.01
C ALA A 403 -9.27 15.99 -41.78
N TRP A 404 -9.48 14.77 -41.30
CA TRP A 404 -10.43 13.84 -41.91
C TRP A 404 -11.81 14.41 -42.13
N LEU A 405 -12.34 15.12 -41.15
CA LEU A 405 -13.66 15.70 -41.29
C LEU A 405 -13.64 16.77 -42.38
N ASN A 406 -12.54 17.49 -42.50
CA ASN A 406 -12.46 18.53 -43.52
C ASN A 406 -12.45 17.90 -44.89
N LYS A 407 -11.71 16.80 -45.00
CA LYS A 407 -11.61 16.02 -46.25
C LYS A 407 -12.89 15.27 -46.65
N TYR A 408 -13.44 14.46 -45.76
CA TYR A 408 -14.59 13.64 -46.14
C TYR A 408 -15.97 14.25 -45.95
N GLY A 409 -16.06 15.36 -45.21
CA GLY A 409 -17.34 15.97 -44.81
C GLY A 409 -17.83 15.33 -43.51
N ILE A 410 -18.54 16.07 -42.67
CA ILE A 410 -18.91 15.52 -41.37
C ILE A 410 -19.96 14.44 -41.48
N GLU A 411 -21.07 14.72 -42.14
CA GLU A 411 -22.14 13.74 -42.28
C GLU A 411 -21.68 12.44 -42.95
N ASN A 412 -20.90 12.55 -44.02
CA ASN A 412 -20.49 11.34 -44.73
C ASN A 412 -19.54 10.49 -43.91
N TRP A 413 -18.65 11.16 -43.19
CA TRP A 413 -17.68 10.45 -42.39
C TRP A 413 -18.44 9.74 -41.25
N LEU A 414 -19.35 10.47 -40.61
CA LEU A 414 -20.09 9.94 -39.48
C LEU A 414 -20.96 8.77 -39.91
N ARG A 415 -21.63 8.91 -41.04
CA ARG A 415 -22.41 7.79 -41.58
C ARG A 415 -21.58 6.53 -41.70
N LEU A 416 -20.45 6.65 -42.37
CA LEU A 416 -19.57 5.52 -42.58
C LEU A 416 -19.12 4.96 -41.25
N LEU A 417 -18.81 5.84 -40.32
CA LEU A 417 -18.41 5.38 -38.99
C LEU A 417 -19.49 4.52 -38.35
N ILE A 418 -20.71 5.04 -38.29
CA ILE A 418 -21.81 4.29 -37.69
C ILE A 418 -21.91 2.92 -38.37
N GLN A 419 -21.81 2.91 -39.71
CA GLN A 419 -21.94 1.69 -40.50
C GLN A 419 -20.86 0.65 -40.24
N LYS A 420 -19.60 1.06 -40.26
CA LYS A 420 -18.50 0.11 -40.12
C LYS A 420 -18.27 -0.29 -38.67
N ALA A 421 -18.72 0.53 -37.73
CA ALA A 421 -18.31 0.39 -36.35
C ALA A 421 -19.48 0.12 -35.42
N ILE A 422 -20.47 0.99 -35.40
CA ILE A 422 -21.63 0.79 -34.53
C ILE A 422 -22.58 -0.35 -34.95
N ILE A 423 -22.98 -0.37 -36.22
CA ILE A 423 -23.95 -1.35 -36.68
C ILE A 423 -23.55 -2.80 -36.40
N PRO A 424 -22.30 -3.20 -36.71
CA PRO A 424 -21.92 -4.60 -36.47
C PRO A 424 -22.04 -4.97 -35.00
N VAL A 425 -21.73 -4.05 -34.10
CA VAL A 425 -21.90 -4.35 -32.68
C VAL A 425 -23.36 -4.63 -32.31
N ILE A 426 -24.26 -3.77 -32.79
CA ILE A 426 -25.68 -3.95 -32.57
C ILE A 426 -26.23 -5.18 -33.27
N HIS A 427 -25.72 -5.46 -34.46
CA HIS A 427 -26.08 -6.68 -35.16
C HIS A 427 -25.86 -7.90 -34.31
N LEU A 428 -24.68 -7.98 -33.74
CA LEU A 428 -24.30 -9.09 -32.87
C LEU A 428 -25.27 -9.26 -31.72
N VAL A 429 -25.64 -8.14 -31.09
CA VAL A 429 -26.64 -8.16 -30.01
C VAL A 429 -27.99 -8.74 -30.47
N VAL A 430 -28.54 -8.21 -31.56
CA VAL A 430 -29.90 -8.56 -31.97
C VAL A 430 -30.04 -9.87 -32.73
N GLU A 431 -29.10 -10.15 -33.63
CA GLU A 431 -29.14 -11.40 -34.37
C GLU A 431 -28.61 -12.57 -33.53
N HIS A 432 -27.51 -12.34 -32.80
CA HIS A 432 -26.96 -13.37 -31.91
C HIS A 432 -27.19 -13.31 -30.40
N GLY A 433 -27.81 -12.25 -29.88
CA GLY A 433 -27.85 -12.09 -28.44
C GLY A 433 -26.47 -12.10 -27.77
N ILE A 434 -25.47 -11.60 -28.48
CA ILE A 434 -24.15 -11.54 -27.89
C ILE A 434 -23.75 -10.07 -27.72
N ALA A 435 -23.47 -9.68 -26.48
CA ALA A 435 -23.14 -8.29 -26.18
C ALA A 435 -21.69 -8.15 -25.77
N LEU A 436 -20.86 -7.67 -26.68
CA LEU A 436 -19.46 -7.42 -26.43
C LEU A 436 -19.37 -6.15 -25.63
N GLU A 437 -18.46 -6.10 -24.65
CA GLU A 437 -18.22 -4.86 -23.95
C GLU A 437 -17.84 -3.90 -25.07
N SER A 438 -18.65 -2.86 -25.19
CA SER A 438 -18.58 -1.89 -26.28
C SER A 438 -17.91 -0.53 -25.99
N HIS A 439 -17.32 -0.40 -24.79
CA HIS A 439 -16.56 0.78 -24.39
C HIS A 439 -15.44 1.07 -25.41
N GLY A 440 -15.08 2.33 -25.54
CA GLY A 440 -14.13 2.74 -26.56
C GLY A 440 -12.77 2.03 -26.53
N GLN A 441 -12.41 1.49 -25.38
CA GLN A 441 -11.10 0.88 -25.17
C GLN A 441 -11.09 -0.52 -25.80
N ASN A 442 -12.26 -1.12 -26.00
CA ASN A 442 -12.34 -2.41 -26.67
C ASN A 442 -12.40 -2.34 -28.20
N MSE A 443 -12.34 -1.16 -28.78
CA MSE A 443 -12.65 -1.08 -30.20
C MSE A 443 -11.54 -0.36 -30.92
O MSE A 443 -10.93 0.56 -30.39
CB MSE A 443 -14.00 -0.38 -30.44
CG MSE A 443 -15.18 -1.00 -29.69
SE MSE A 443 -16.87 0.06 -29.78
CE MSE A 443 -16.92 0.15 -31.71
N ILE A 444 -11.29 -0.79 -32.14
CA ILE A 444 -10.24 -0.19 -32.93
C ILE A 444 -10.77 0.01 -34.31
N LEU A 445 -10.73 1.24 -34.81
CA LEU A 445 -11.20 1.50 -36.16
C LEU A 445 -10.07 1.31 -37.16
N VAL A 446 -10.31 0.45 -38.15
CA VAL A 446 -9.43 0.38 -39.30
C VAL A 446 -9.93 1.35 -40.38
N HIS A 447 -9.02 2.12 -40.96
CA HIS A 447 -9.38 3.12 -41.94
C HIS A 447 -8.40 3.13 -43.11
N LYS A 448 -8.68 3.96 -44.10
CA LYS A 448 -7.75 4.22 -45.20
C LYS A 448 -7.71 5.72 -45.38
N GLU A 449 -6.56 6.33 -45.10
CA GLU A 449 -6.43 7.78 -45.14
C GLU A 449 -7.60 8.49 -44.45
N GLY A 450 -8.08 7.92 -43.34
CA GLY A 450 -9.13 8.55 -42.54
C GLY A 450 -10.56 8.15 -42.89
N LEU A 451 -10.71 7.32 -43.92
CA LEU A 451 -12.01 6.81 -44.34
C LEU A 451 -12.27 5.50 -43.58
N PRO A 452 -13.37 5.46 -42.82
CA PRO A 452 -13.69 4.26 -42.00
C PRO A 452 -13.90 3.00 -42.84
N VAL A 453 -13.23 1.91 -42.48
CA VAL A 453 -13.30 0.69 -43.29
C VAL A 453 -13.93 -0.50 -42.55
N ARG A 454 -13.30 -0.94 -41.47
CA ARG A 454 -13.85 -2.02 -40.68
C ARG A 454 -13.54 -1.76 -39.22
N ILE A 455 -14.22 -2.48 -38.31
CA ILE A 455 -13.92 -2.34 -36.89
C ILE A 455 -13.22 -3.61 -36.37
N ALA A 456 -12.26 -3.43 -35.45
CA ALA A 456 -11.67 -4.53 -34.69
C ALA A 456 -12.10 -4.48 -33.24
N LEU A 457 -12.40 -5.65 -32.65
CA LEU A 457 -12.80 -5.75 -31.25
C LEU A 457 -11.80 -6.57 -30.42
N LYS A 458 -11.63 -6.25 -29.14
CA LYS A 458 -10.73 -7.02 -28.29
C LYS A 458 -11.21 -7.02 -26.84
N ASP A 459 -10.44 -7.67 -25.97
CA ASP A 459 -10.78 -7.82 -24.55
C ASP A 459 -12.10 -8.52 -24.24
N PHE A 460 -12.26 -9.73 -24.77
CA PHE A 460 -13.49 -10.49 -24.57
C PHE A 460 -13.58 -11.17 -23.22
N HIS A 461 -12.45 -11.67 -22.72
CA HIS A 461 -12.45 -12.57 -21.57
C HIS A 461 -13.02 -11.92 -20.31
N GLU A 462 -12.83 -10.62 -20.17
CA GLU A 462 -13.40 -9.90 -19.04
C GLU A 462 -14.88 -9.48 -19.14
N GLY A 463 -15.27 -8.86 -20.25
CA GLY A 463 -16.54 -8.17 -20.30
C GLY A 463 -17.73 -8.70 -21.09
N LEU A 464 -17.55 -9.80 -21.80
CA LEU A 464 -18.60 -10.35 -22.64
C LEU A 464 -19.91 -10.70 -21.91
N GLU A 465 -21.05 -10.41 -22.52
CA GLU A 465 -22.31 -10.87 -21.96
C GLU A 465 -23.17 -11.46 -23.06
N PHE A 466 -24.08 -12.36 -22.72
CA PHE A 466 -24.93 -12.95 -23.74
C PHE A 466 -26.27 -13.41 -23.18
N TYR A 467 -27.31 -13.38 -24.02
CA TYR A 467 -28.62 -13.88 -23.66
C TYR A 467 -28.87 -15.21 -24.40
N ARG A 468 -28.85 -16.31 -23.67
CA ARG A 468 -28.77 -17.63 -24.26
C ARG A 468 -29.85 -17.91 -25.29
N PRO A 469 -31.10 -17.51 -25.02
CA PRO A 469 -32.14 -17.95 -25.96
C PRO A 469 -31.98 -17.38 -27.37
N PHE A 470 -31.22 -16.30 -27.53
CA PHE A 470 -30.96 -15.73 -28.87
C PHE A 470 -29.82 -16.43 -29.64
N LEU A 471 -29.01 -17.23 -28.98
CA LEU A 471 -27.91 -17.88 -29.69
C LEU A 471 -28.45 -18.71 -30.84
N LYS A 472 -27.70 -18.79 -31.95
CA LYS A 472 -28.11 -19.64 -33.08
C LYS A 472 -27.96 -21.11 -32.69
N GLU A 473 -26.88 -21.42 -31.99
CA GLU A 473 -26.69 -22.76 -31.46
C GLU A 473 -26.41 -22.68 -29.95
N MSE A 474 -27.39 -23.15 -29.18
CA MSE A 474 -27.30 -23.08 -27.72
C MSE A 474 -26.37 -24.20 -27.28
O MSE A 474 -25.58 -24.04 -26.37
CB MSE A 474 -28.68 -23.26 -27.10
CG MSE A 474 -29.58 -22.07 -27.30
SE MSE A 474 -31.45 -22.34 -26.82
CE MSE A 474 -31.25 -22.49 -24.89
N ASN A 475 -26.52 -25.33 -27.96
CA ASN A 475 -25.72 -26.52 -27.68
C ASN A 475 -24.23 -26.37 -28.00
N LYS A 476 -23.87 -25.31 -28.72
CA LYS A 476 -22.46 -25.03 -29.01
C LYS A 476 -21.90 -23.96 -28.07
N CYS A 477 -22.75 -23.46 -27.20
CA CYS A 477 -22.34 -22.45 -26.23
C CYS A 477 -21.35 -23.09 -25.26
N PRO A 478 -20.16 -22.48 -25.10
CA PRO A 478 -19.08 -23.13 -24.37
C PRO A 478 -19.58 -23.44 -22.98
N ASP A 479 -19.22 -24.60 -22.42
CA ASP A 479 -19.76 -24.96 -21.12
C ASP A 479 -18.82 -24.51 -20.01
N PHE A 480 -19.24 -23.51 -19.27
CA PHE A 480 -18.35 -22.79 -18.38
C PHE A 480 -18.08 -23.59 -17.11
N THR A 481 -19.11 -24.32 -16.68
CA THR A 481 -18.98 -25.08 -15.44
C THR A 481 -17.90 -26.16 -15.51
N LYS A 482 -17.50 -26.56 -16.71
CA LYS A 482 -16.49 -27.61 -16.80
C LYS A 482 -15.06 -27.05 -16.80
N MSE A 483 -14.96 -25.74 -16.99
CA MSE A 483 -13.67 -25.04 -17.07
C MSE A 483 -13.00 -24.66 -15.73
O MSE A 483 -11.76 -24.68 -15.61
CB MSE A 483 -13.80 -23.81 -17.98
CG MSE A 483 -14.41 -24.17 -19.31
SE MSE A 483 -14.52 -22.71 -20.57
CE MSE A 483 -15.71 -23.61 -21.84
N HIS A 484 -13.82 -24.26 -14.75
CA HIS A 484 -13.28 -23.78 -13.48
C HIS A 484 -14.22 -24.08 -12.32
N LYS A 485 -13.65 -24.40 -11.17
CA LYS A 485 -14.46 -24.64 -9.98
C LYS A 485 -15.31 -23.41 -9.61
N THR A 486 -14.82 -22.21 -9.92
CA THR A 486 -15.58 -21.00 -9.59
C THR A 486 -16.89 -20.89 -10.41
N TYR A 487 -16.82 -21.16 -11.72
CA TYR A 487 -18.03 -21.27 -12.54
C TYR A 487 -18.95 -22.34 -11.94
N ALA A 488 -18.39 -23.51 -11.67
CA ALA A 488 -19.13 -24.65 -11.10
C ALA A 488 -19.98 -24.30 -9.87
N ASN A 489 -19.44 -23.48 -8.97
CA ASN A 489 -20.14 -23.10 -7.75
C ASN A 489 -20.88 -21.77 -7.87
N GLY A 490 -20.75 -21.14 -9.03
CA GLY A 490 -21.41 -19.87 -9.31
C GLY A 490 -22.89 -20.03 -9.60
N LYS A 491 -23.56 -18.90 -9.80
CA LYS A 491 -25.00 -18.85 -10.01
C LYS A 491 -25.31 -18.04 -11.27
N MSE A 492 -26.54 -18.10 -11.75
CA MSE A 492 -26.95 -17.34 -12.93
C MSE A 492 -26.64 -15.85 -12.78
O MSE A 492 -26.84 -15.28 -11.70
CB MSE A 492 -28.45 -17.53 -13.21
CG MSE A 492 -29.01 -16.75 -14.40
SE MSE A 492 -28.34 -17.36 -16.13
CE MSE A 492 -30.04 -17.61 -17.07
N ASN A 493 -26.19 -15.23 -13.86
CA ASN A 493 -25.87 -13.79 -13.92
C ASN A 493 -24.49 -13.40 -13.37
N ASP A 494 -23.82 -14.33 -12.70
CA ASP A 494 -22.47 -14.07 -12.17
C ASP A 494 -21.43 -13.93 -13.29
N PHE A 495 -21.45 -14.85 -14.26
CA PHE A 495 -20.48 -14.79 -15.37
C PHE A 495 -21.08 -14.98 -16.79
N PHE A 496 -21.01 -13.93 -17.59
CA PHE A 496 -21.26 -13.93 -19.05
C PHE A 496 -22.71 -14.10 -19.46
N GLU A 497 -23.53 -14.67 -18.60
CA GLU A 497 -24.84 -15.08 -19.10
C GLU A 497 -25.89 -14.39 -18.29
N MSE A 498 -26.80 -13.76 -19.01
CA MSE A 498 -27.84 -13.05 -18.34
C MSE A 498 -29.14 -13.78 -18.58
O MSE A 498 -29.30 -14.46 -19.58
CB MSE A 498 -27.83 -11.59 -18.82
CG MSE A 498 -26.42 -10.93 -18.67
SE MSE A 498 -25.73 -10.77 -16.81
CE MSE A 498 -23.87 -11.28 -17.10
N ASP A 499 -30.01 -13.74 -17.56
CA ASP A 499 -31.32 -14.34 -17.68
C ASP A 499 -32.32 -13.26 -18.05
N ARG A 500 -31.83 -12.02 -18.13
CA ARG A 500 -32.69 -10.87 -18.43
C ARG A 500 -32.38 -10.37 -19.83
N ILE A 501 -33.41 -10.23 -20.64
CA ILE A 501 -33.19 -9.68 -21.96
C ILE A 501 -32.69 -8.21 -21.92
N GLU A 502 -32.85 -7.54 -20.77
CA GLU A 502 -32.46 -6.13 -20.67
C GLU A 502 -30.94 -5.95 -20.64
N CYS A 503 -30.19 -7.03 -20.43
CA CYS A 503 -28.73 -6.95 -20.49
C CYS A 503 -28.31 -6.53 -21.90
N LEU A 504 -29.12 -6.88 -22.90
CA LEU A 504 -28.80 -6.51 -24.27
C LEU A 504 -29.02 -5.01 -24.51
N GLN A 505 -30.20 -4.51 -24.14
CA GLN A 505 -30.50 -3.09 -24.27
C GLN A 505 -29.46 -2.25 -23.51
N GLU A 506 -29.15 -2.70 -22.30
CA GLU A 506 -28.21 -1.97 -21.46
C GLU A 506 -26.78 -1.90 -21.99
N MSE A 507 -26.25 -2.94 -22.61
CA MSE A 507 -24.88 -2.87 -23.11
C MSE A 507 -24.78 -1.89 -24.27
O MSE A 507 -23.74 -1.25 -24.48
CB MSE A 507 -24.37 -4.24 -23.56
CG MSE A 507 -22.92 -4.22 -24.05
SE MSE A 507 -21.65 -4.05 -22.54
CE MSE A 507 -22.16 -5.67 -21.57
N VAL A 508 -25.86 -1.80 -25.05
CA VAL A 508 -25.96 -0.87 -26.18
C VAL A 508 -26.17 0.60 -25.78
N LEU A 509 -27.17 0.86 -24.94
CA LEU A 509 -27.47 2.22 -24.55
C LEU A 509 -26.38 2.76 -23.64
N ASP A 510 -26.01 1.99 -22.61
CA ASP A 510 -24.99 2.38 -21.61
C ASP A 510 -23.57 2.31 -22.16
N ALA A 511 -23.07 1.12 -22.47
CA ALA A 511 -21.69 1.00 -22.91
C ALA A 511 -21.42 1.60 -24.28
N LEU A 512 -22.16 1.20 -25.30
CA LEU A 512 -21.81 1.67 -26.64
C LEU A 512 -22.06 3.18 -26.84
N PHE A 513 -23.21 3.66 -26.37
CA PHE A 513 -23.67 5.02 -26.70
C PHE A 513 -23.38 6.06 -25.60
N LEU A 514 -23.98 5.90 -24.42
CA LEU A 514 -23.84 6.85 -23.34
C LEU A 514 -22.39 7.12 -22.92
N PHE A 515 -21.61 6.06 -22.69
CA PHE A 515 -20.22 6.21 -22.29
C PHE A 515 -19.18 6.24 -23.37
N ASN A 516 -19.53 5.87 -24.60
CA ASN A 516 -18.49 5.82 -25.61
C ASN A 516 -18.79 6.69 -26.84
N VAL A 517 -19.67 6.23 -27.74
CA VAL A 517 -20.03 6.99 -28.96
C VAL A 517 -20.59 8.39 -28.64
N GLY A 518 -21.32 8.51 -27.54
CA GLY A 518 -21.86 9.81 -27.14
C GLY A 518 -20.77 10.86 -27.01
N GLU A 519 -19.55 10.46 -26.59
CA GLU A 519 -18.44 11.38 -26.42
C GLU A 519 -18.12 12.04 -27.76
N LEU A 520 -18.20 11.25 -28.84
CA LEU A 520 -18.06 11.82 -30.18
C LEU A 520 -19.13 12.91 -30.45
N ALA A 521 -20.38 12.66 -30.11
CA ALA A 521 -21.40 13.66 -30.37
C ALA A 521 -21.11 15.02 -29.69
N PHE A 522 -20.58 14.97 -28.47
CA PHE A 522 -20.15 16.19 -27.76
C PHE A 522 -19.10 16.98 -28.54
N VAL A 523 -18.07 16.27 -28.98
CA VAL A 523 -17.00 16.87 -29.77
C VAL A 523 -17.51 17.55 -31.05
N LEU A 524 -18.39 16.88 -31.79
CA LEU A 524 -18.87 17.42 -33.07
C LEU A 524 -19.82 18.59 -32.86
N ALA A 525 -20.54 18.58 -31.74
CA ALA A 525 -21.45 19.67 -31.41
C ALA A 525 -20.70 20.92 -30.99
N ASP A 526 -19.75 20.73 -30.09
CA ASP A 526 -19.06 21.86 -29.50
C ASP A 526 -18.01 22.43 -30.42
N LYS A 527 -17.28 21.56 -31.11
CA LYS A 527 -16.25 21.97 -32.06
C LYS A 527 -16.67 22.32 -33.50
N TYR A 528 -17.51 21.49 -34.11
CA TYR A 528 -18.05 21.76 -35.45
C TYR A 528 -19.47 22.29 -35.59
N GLU A 529 -20.14 22.51 -34.46
CA GLU A 529 -21.51 22.98 -34.48
C GLU A 529 -22.44 22.01 -35.21
N TRP A 530 -22.17 20.72 -35.06
CA TRP A 530 -23.03 19.68 -35.59
C TRP A 530 -23.93 19.23 -34.44
N LYS A 531 -25.22 19.51 -34.55
CA LYS A 531 -26.10 19.42 -33.41
C LYS A 531 -26.23 17.99 -32.95
N GLU A 532 -26.39 17.79 -31.65
CA GLU A 532 -26.55 16.45 -31.12
C GLU A 532 -27.80 15.78 -31.73
N GLU A 533 -28.87 16.54 -31.96
CA GLU A 533 -30.08 15.96 -32.55
C GLU A 533 -29.79 15.36 -33.93
N SER A 534 -28.87 15.98 -34.65
CA SER A 534 -28.51 15.49 -35.98
C SER A 534 -27.60 14.26 -35.87
N PHE A 535 -26.79 14.23 -34.83
CA PHE A 535 -25.96 13.07 -34.60
C PHE A 535 -26.87 11.84 -34.39
N TRP A 536 -27.80 11.90 -33.42
CA TRP A 536 -28.67 10.79 -33.14
C TRP A 536 -29.65 10.49 -34.30
N MSE A 537 -29.95 11.50 -35.11
CA MSE A 537 -30.66 11.25 -36.35
C MSE A 537 -29.92 10.25 -37.27
O MSE A 537 -30.50 9.26 -37.73
CB MSE A 537 -30.89 12.56 -37.10
CG MSE A 537 -31.87 12.44 -38.26
SE MSE A 537 -32.12 14.09 -39.26
CE MSE A 537 -30.42 14.12 -40.20
N ILE A 538 -28.65 10.52 -37.55
CA ILE A 538 -27.88 9.66 -38.41
C ILE A 538 -27.84 8.27 -37.82
N VAL A 539 -27.70 8.18 -36.50
CA VAL A 539 -27.61 6.88 -35.84
C VAL A 539 -28.89 6.08 -36.04
N VAL A 540 -30.01 6.70 -35.73
CA VAL A 540 -31.30 6.05 -35.99
C VAL A 540 -31.43 5.66 -37.46
N GLU A 541 -31.09 6.56 -38.38
CA GLU A 541 -31.22 6.22 -39.78
C GLU A 541 -30.44 4.94 -40.15
N GLU A 542 -29.21 4.82 -39.66
CA GLU A 542 -28.37 3.68 -40.05
C GLU A 542 -28.81 2.42 -39.34
N ILE A 543 -29.25 2.54 -38.11
CA ILE A 543 -29.85 1.39 -37.47
C ILE A 543 -31.02 0.86 -38.30
N GLU A 544 -31.88 1.77 -38.77
CA GLU A 544 -33.06 1.38 -39.52
C GLU A 544 -32.75 0.80 -40.89
N ASN A 545 -31.76 1.37 -41.59
CA ASN A 545 -31.36 0.89 -42.90
C ASN A 545 -30.81 -0.51 -42.80
N HIS A 546 -30.16 -0.81 -41.68
CA HIS A 546 -29.63 -2.14 -41.49
C HIS A 546 -30.76 -3.14 -41.27
N PHE A 547 -31.61 -2.89 -40.29
CA PHE A 547 -32.57 -3.93 -39.90
C PHE A 547 -33.73 -4.06 -40.84
N ARG A 548 -33.83 -3.14 -41.78
CA ARG A 548 -34.86 -3.30 -42.80
C ARG A 548 -34.46 -4.44 -43.76
N LYS A 549 -33.16 -4.71 -43.88
CA LYS A 549 -32.72 -5.82 -44.72
C LYS A 549 -32.97 -7.15 -44.00
N TYR A 550 -33.25 -7.08 -42.70
CA TYR A 550 -33.47 -8.29 -41.89
C TYR A 550 -34.86 -8.34 -41.22
N PRO A 551 -35.91 -8.46 -42.03
CA PRO A 551 -37.32 -8.52 -41.65
C PRO A 551 -37.63 -9.55 -40.55
N HIS A 552 -37.00 -10.72 -40.60
CA HIS A 552 -37.17 -11.73 -39.55
C HIS A 552 -36.66 -11.27 -38.17
N LEU A 553 -35.91 -10.17 -38.13
CA LEU A 553 -35.38 -9.68 -36.86
C LEU A 553 -36.30 -8.65 -36.21
N LYS A 554 -37.33 -8.27 -36.95
CA LYS A 554 -38.21 -7.17 -36.57
C LYS A 554 -38.75 -7.32 -35.15
N ASP A 555 -39.39 -8.44 -34.84
CA ASP A 555 -39.96 -8.65 -33.52
C ASP A 555 -38.92 -8.62 -32.44
N ARG A 556 -37.75 -9.14 -32.76
CA ARG A 556 -36.69 -9.25 -31.77
C ARG A 556 -36.04 -7.88 -31.56
N PHE A 557 -35.90 -7.13 -32.65
CA PHE A 557 -35.35 -5.79 -32.54
C PHE A 557 -36.24 -4.99 -31.57
N GLU A 558 -37.54 -5.02 -31.80
CA GLU A 558 -38.49 -4.36 -30.92
C GLU A 558 -38.39 -4.78 -29.47
N SER A 559 -38.26 -6.08 -29.23
CA SER A 559 -38.26 -6.59 -27.86
C SER A 559 -37.04 -6.08 -27.09
N ILE A 560 -36.03 -5.64 -27.83
CA ILE A 560 -34.83 -5.06 -27.20
C ILE A 560 -35.00 -3.56 -26.82
N GLN A 561 -35.95 -2.89 -27.46
CA GLN A 561 -36.37 -1.58 -26.98
C GLN A 561 -35.26 -0.53 -26.98
N LEU A 562 -34.55 -0.38 -28.10
CA LEU A 562 -33.51 0.63 -28.16
C LEU A 562 -34.10 2.03 -28.24
N TYR A 563 -35.38 2.12 -28.56
CA TYR A 563 -36.09 3.40 -28.69
C TYR A 563 -36.85 3.83 -27.44
N THR A 564 -36.66 3.11 -26.33
CA THR A 564 -37.35 3.44 -25.07
C THR A 564 -37.08 4.91 -24.67
N PRO A 565 -38.12 5.62 -24.18
CA PRO A 565 -37.93 7.06 -23.93
C PRO A 565 -36.96 7.36 -22.77
N THR A 566 -36.89 6.44 -21.83
CA THR A 566 -35.88 6.56 -20.78
C THR A 566 -35.35 5.19 -20.42
N PHE A 567 -34.12 5.16 -19.93
CA PHE A 567 -33.61 3.95 -19.33
C PHE A 567 -32.76 4.23 -18.08
N TYR A 568 -32.54 3.16 -17.32
CA TYR A 568 -31.81 3.20 -16.07
C TYR A 568 -30.35 2.87 -16.30
N ALA A 569 -29.50 3.87 -16.10
CA ALA A 569 -28.07 3.79 -16.39
C ALA A 569 -27.23 3.59 -15.12
N GLU A 570 -26.15 2.85 -15.26
CA GLU A 570 -25.27 2.55 -14.14
C GLU A 570 -24.77 3.84 -13.51
N GLN A 571 -24.72 3.92 -12.18
CA GLN A 571 -24.05 5.07 -11.61
C GLN A 571 -22.67 4.57 -11.22
N LEU A 572 -21.68 4.92 -12.02
CA LEU A 572 -20.35 4.35 -11.86
C LEU A 572 -19.64 5.05 -10.71
N THR A 573 -19.81 6.37 -10.61
CA THR A 573 -19.16 7.09 -9.53
C THR A 573 -19.79 6.80 -8.18
N LYS A 574 -21.10 6.60 -8.13
CA LYS A 574 -21.71 6.31 -6.84
C LYS A 574 -21.15 5.03 -6.24
N ARG A 575 -20.85 4.05 -7.08
CA ARG A 575 -20.29 2.76 -6.64
C ARG A 575 -19.01 2.98 -5.86
N ARG A 576 -18.31 4.06 -6.16
CA ARG A 576 -17.07 4.36 -5.46
C ARG A 576 -17.28 5.01 -4.10
N LEU A 577 -18.45 5.60 -3.88
CA LEU A 577 -18.69 6.22 -2.58
C LEU A 577 -19.54 5.42 -1.57
N TYR A 578 -20.07 4.27 -1.97
CA TYR A 578 -21.04 3.59 -1.11
C TYR A 578 -20.79 2.10 -1.00
N ILE A 579 -21.11 1.57 0.18
CA ILE A 579 -20.84 0.16 0.48
C ILE A 579 -21.74 -0.87 -0.22
N ASP A 580 -23.05 -0.74 -0.09
CA ASP A 580 -23.92 -1.83 -0.52
C ASP A 580 -23.95 -2.02 -2.04
N VAL A 581 -24.07 -0.91 -2.76
CA VAL A 581 -23.91 -0.91 -4.21
C VAL A 581 -24.67 -2.02 -4.94
N GLU A 582 -25.83 -2.43 -4.41
CA GLU A 582 -26.56 -3.52 -5.06
C GLU A 582 -27.07 -3.21 -6.48
N SER A 583 -27.97 -2.24 -6.58
CA SER A 583 -28.31 -1.71 -7.89
C SER A 583 -28.21 -0.20 -7.79
N LEU A 584 -27.20 0.36 -8.43
CA LEU A 584 -27.11 1.80 -8.49
C LEU A 584 -27.29 2.11 -9.93
N VAL A 585 -28.48 2.59 -10.25
CA VAL A 585 -28.79 3.01 -11.59
C VAL A 585 -29.52 4.32 -11.39
N HIS A 586 -29.52 5.18 -12.41
CA HIS A 586 -30.39 6.36 -12.38
C HIS A 586 -31.06 6.44 -13.72
N GLU A 587 -32.29 6.93 -13.70
CA GLU A 587 -33.06 7.07 -14.92
C GLU A 587 -32.55 8.26 -15.72
N VAL A 588 -32.26 8.04 -17.01
CA VAL A 588 -31.88 9.11 -17.91
C VAL A 588 -32.71 9.07 -19.20
N PRO A 589 -32.86 10.22 -19.89
CA PRO A 589 -33.63 10.20 -21.15
C PRO A 589 -32.81 9.53 -22.24
N ASN A 590 -33.46 8.88 -23.20
CA ASN A 590 -32.78 8.23 -24.31
C ASN A 590 -32.91 9.02 -25.62
N PRO A 591 -31.82 9.65 -26.09
CA PRO A 591 -31.88 10.51 -27.30
C PRO A 591 -32.43 9.78 -28.55
N LEU A 592 -32.19 8.48 -28.65
CA LEU A 592 -32.76 7.67 -29.76
C LEU A 592 -34.29 7.77 -29.83
N TYR A 593 -34.94 7.89 -28.68
CA TYR A 593 -36.40 7.97 -28.67
C TYR A 593 -36.93 9.09 -29.55
N ARG A 594 -36.48 10.31 -29.26
CA ARG A 594 -36.92 11.48 -30.00
C ARG A 594 -36.40 11.45 -31.43
N ALA A 595 -35.16 11.01 -31.61
CA ALA A 595 -34.59 10.91 -32.94
C ALA A 595 -35.47 10.04 -33.83
N ARG A 596 -36.01 8.96 -33.25
CA ARG A 596 -36.83 8.02 -33.99
C ARG A 596 -38.21 8.60 -34.31
N GLN A 597 -38.75 9.39 -33.40
CA GLN A 597 -40.04 10.03 -33.64
C GLN A 597 -39.90 11.01 -34.80
N LEU A 598 -38.81 11.77 -34.82
CA LEU A 598 -38.59 12.68 -35.92
C LEU A 598 -38.30 11.91 -37.19
N ASN A 599 -37.51 10.84 -37.08
CA ASN A 599 -37.22 10.00 -38.22
C ASN A 599 -38.51 9.50 -38.85
N ILE A 600 -39.50 9.20 -38.01
CA ILE A 600 -40.80 8.68 -38.49
C ILE A 600 -41.65 9.77 -39.16
N GLN A 601 -41.73 10.94 -38.53
CA GLN A 601 -42.40 12.08 -39.13
C GLN A 601 -41.79 12.40 -40.49
N LYS A 602 -40.47 12.29 -40.60
CA LYS A 602 -39.75 12.71 -41.80
C LYS A 602 -40.10 11.85 -43.03
N SER A 603 -40.56 10.62 -42.82
CA SER A 603 -40.91 9.74 -43.94
C SER A 603 -42.11 10.18 -44.76
N ALA B 3 17.98 -5.12 -17.74
CA ALA B 3 18.27 -6.49 -17.29
C ALA B 3 18.33 -6.64 -15.75
N MSE B 4 17.90 -7.80 -15.25
CA MSE B 4 17.91 -8.12 -13.81
C MSE B 4 19.35 -8.19 -13.24
O MSE B 4 20.21 -8.90 -13.78
CB MSE B 4 17.20 -9.45 -13.56
CG MSE B 4 15.70 -9.45 -13.80
SE MSE B 4 14.74 -8.33 -12.50
CE MSE B 4 14.24 -6.89 -13.76
N ASP B 5 19.62 -7.44 -12.17
CA ASP B 5 20.98 -7.32 -11.66
C ASP B 5 21.34 -8.22 -10.46
N MSE B 6 22.54 -7.98 -9.92
CA MSE B 6 23.08 -8.73 -8.78
C MSE B 6 22.25 -8.63 -7.50
O MSE B 6 22.33 -9.50 -6.64
CB MSE B 6 24.50 -8.26 -8.50
CG MSE B 6 24.59 -7.25 -7.38
SE MSE B 6 26.39 -6.61 -6.99
CE MSE B 6 26.10 -5.96 -5.17
N TYR B 7 21.48 -7.55 -7.33
CA TYR B 7 20.59 -7.45 -6.16
C TYR B 7 19.42 -8.41 -6.33
N HIS B 8 18.96 -8.53 -7.57
CA HIS B 8 17.93 -9.51 -7.89
C HIS B 8 18.45 -10.91 -7.57
N THR B 9 19.64 -11.22 -8.06
CA THR B 9 20.25 -12.52 -7.80
C THR B 9 20.36 -12.86 -6.31
N LYS B 10 20.71 -11.87 -5.49
CA LYS B 10 20.83 -12.05 -4.04
C LYS B 10 19.51 -12.44 -3.41
N ILE B 11 18.47 -11.69 -3.75
CA ILE B 11 17.15 -11.94 -3.20
C ILE B 11 16.73 -13.37 -3.48
N LEU B 12 16.91 -13.79 -4.73
CA LEU B 12 16.52 -15.14 -5.10
C LEU B 12 17.33 -16.20 -4.34
N LYS B 13 18.65 -16.04 -4.28
CA LYS B 13 19.48 -16.96 -3.51
C LYS B 13 19.06 -16.98 -2.03
N ALA B 14 18.74 -15.82 -1.49
CA ALA B 14 18.33 -15.79 -0.08
C ALA B 14 17.04 -16.57 0.13
N ILE B 15 16.07 -16.35 -0.75
CA ILE B 15 14.77 -17.02 -0.61
C ILE B 15 14.96 -18.52 -0.79
N GLU B 16 15.88 -18.90 -1.65
CA GLU B 16 16.07 -20.32 -1.99
C GLU B 16 16.95 -21.02 -0.98
N SER B 17 17.42 -20.29 0.03
CA SER B 17 18.45 -20.84 0.91
C SER B 17 17.87 -21.41 2.19
N GLU B 18 18.78 -21.86 3.06
CA GLU B 18 18.43 -22.40 4.36
C GLU B 18 18.04 -21.31 5.34
N ASP B 19 18.50 -20.08 5.13
CA ASP B 19 18.15 -18.99 6.04
C ASP B 19 16.65 -18.69 5.95
N TYR B 20 16.07 -18.95 4.79
CA TYR B 20 14.64 -18.84 4.67
C TYR B 20 13.91 -19.80 5.64
N ILE B 21 14.37 -21.05 5.71
CA ILE B 21 13.78 -22.06 6.59
C ILE B 21 13.89 -21.65 8.06
N SER B 22 15.07 -21.19 8.48
CA SER B 22 15.24 -20.70 9.87
C SER B 22 14.33 -19.53 10.19
N VAL B 23 14.18 -18.59 9.27
CA VAL B 23 13.37 -17.41 9.57
C VAL B 23 11.92 -17.81 9.65
N ARG B 24 11.51 -18.66 8.73
CA ARG B 24 10.13 -19.13 8.74
C ARG B 24 9.85 -19.81 10.08
N ARG B 25 10.78 -20.65 10.49
CA ARG B 25 10.61 -21.39 11.71
C ARG B 25 10.54 -20.44 12.91
N ARG B 26 11.41 -19.43 12.91
CA ARG B 26 11.44 -18.47 13.99
C ARG B 26 10.11 -17.69 14.07
N VAL B 27 9.62 -17.25 12.91
CA VAL B 27 8.42 -16.44 12.89
C VAL B 27 7.21 -17.25 13.31
N LEU B 28 7.15 -18.51 12.91
CA LEU B 28 6.11 -19.38 13.41
C LEU B 28 6.22 -19.57 14.94
N ARG B 29 7.44 -19.76 15.42
CA ARG B 29 7.64 -19.98 16.85
C ARG B 29 7.12 -18.78 17.67
N GLN B 30 7.50 -17.57 17.27
CA GLN B 30 7.12 -16.39 18.04
C GLN B 30 5.60 -16.25 17.92
N LEU B 31 5.05 -16.52 16.73
CA LEU B 31 3.59 -16.48 16.54
C LEU B 31 2.84 -17.41 17.51
N VAL B 32 3.24 -18.68 17.56
CA VAL B 32 2.50 -19.62 18.35
C VAL B 32 2.67 -19.26 19.84
N GLU B 33 3.88 -18.92 20.25
CA GLU B 33 4.14 -18.45 21.61
C GLU B 33 3.20 -17.36 22.04
N SER B 34 3.01 -16.36 21.19
CA SER B 34 2.16 -15.25 21.62
C SER B 34 0.66 -15.58 21.51
N LEU B 35 0.27 -16.43 20.55
CA LEU B 35 -1.16 -16.81 20.47
C LEU B 35 -1.57 -17.62 21.73
N ILE B 36 -0.70 -18.51 22.18
CA ILE B 36 -0.98 -19.26 23.39
C ILE B 36 -0.83 -18.36 24.63
N TYR B 37 0.28 -17.64 24.72
CA TYR B 37 0.51 -16.78 25.88
C TYR B 37 -0.68 -15.85 26.15
N GLU B 38 -1.19 -15.19 25.14
CA GLU B 38 -2.22 -14.16 25.36
C GLU B 38 -3.60 -14.81 25.43
N GLY B 39 -3.66 -16.12 25.26
CA GLY B 39 -4.93 -16.85 25.31
C GLY B 39 -5.79 -16.63 24.08
N ILE B 40 -5.22 -16.19 22.97
CA ILE B 40 -6.01 -16.03 21.76
C ILE B 40 -6.51 -17.40 21.29
N ILE B 41 -5.68 -18.42 21.50
CA ILE B 41 -6.08 -19.82 21.30
C ILE B 41 -5.83 -20.58 22.61
N THR B 42 -6.57 -21.64 22.81
CA THR B 42 -6.50 -22.40 24.06
C THR B 42 -6.30 -23.87 23.71
N PRO B 43 -5.08 -24.24 23.35
CA PRO B 43 -4.83 -25.62 22.93
C PRO B 43 -5.05 -26.59 24.08
N ALA B 44 -5.19 -27.88 23.79
CA ALA B 44 -5.08 -28.90 24.81
C ALA B 44 -3.64 -28.91 25.28
N ARG B 45 -3.43 -29.14 26.58
CA ARG B 45 -2.09 -29.20 27.17
C ARG B 45 -1.88 -30.52 27.85
N ILE B 46 -0.95 -31.32 27.35
CA ILE B 46 -0.57 -32.56 28.01
C ILE B 46 0.78 -32.46 28.69
N GLU B 47 0.81 -32.62 30.01
CA GLU B 47 2.05 -32.34 30.74
C GLU B 47 2.93 -33.57 30.92
N LYS B 48 4.17 -33.44 30.42
CA LYS B 48 5.29 -34.31 30.75
C LYS B 48 5.88 -33.77 32.06
N GLU B 49 7.06 -34.24 32.44
CA GLU B 49 7.64 -33.75 33.68
C GLU B 49 7.77 -32.22 33.63
N GLU B 50 8.49 -31.76 32.63
CA GLU B 50 8.78 -30.34 32.41
C GLU B 50 7.97 -29.81 31.22
N GLN B 51 8.17 -30.47 30.09
CA GLN B 51 7.54 -30.14 28.82
C GLN B 51 6.00 -30.21 28.83
N ILE B 52 5.42 -29.49 27.90
CA ILE B 52 4.01 -29.55 27.61
C ILE B 52 3.90 -29.88 26.14
N LEU B 53 3.07 -30.86 25.78
CA LEU B 53 2.64 -31.04 24.40
C LEU B 53 1.42 -30.18 24.14
N PHE B 54 1.49 -29.28 23.16
CA PHE B 54 0.35 -28.43 22.85
C PHE B 54 -0.33 -28.98 21.60
N LEU B 55 -1.65 -29.17 21.67
CA LEU B 55 -2.42 -29.61 20.52
C LEU B 55 -3.39 -28.53 20.13
N ILE B 56 -3.15 -27.88 18.99
CA ILE B 56 -3.99 -26.78 18.54
C ILE B 56 -4.95 -27.22 17.46
N GLN B 57 -6.23 -26.93 17.67
CA GLN B 57 -7.29 -27.31 16.72
C GLN B 57 -7.37 -26.39 15.51
N GLY B 58 -7.68 -26.96 14.34
CA GLY B 58 -8.02 -26.16 13.18
C GLY B 58 -8.99 -26.91 12.26
N LEU B 59 -9.36 -26.27 11.15
CA LEU B 59 -10.20 -26.90 10.12
C LEU B 59 -9.63 -26.52 8.77
N ASP B 60 -9.57 -27.47 7.85
CA ASP B 60 -9.08 -27.16 6.51
C ASP B 60 -10.19 -26.55 5.69
N GLU B 61 -9.92 -26.24 4.43
CA GLU B 61 -10.92 -25.54 3.63
C GLU B 61 -12.17 -26.37 3.32
N ASP B 62 -12.02 -27.70 3.41
CA ASP B 62 -13.14 -28.63 3.25
C ASP B 62 -13.79 -28.88 4.61
N ASN B 63 -13.36 -28.10 5.60
CA ASN B 63 -14.01 -28.12 6.90
C ASN B 63 -13.77 -29.45 7.59
N LYS B 64 -12.62 -30.06 7.30
CA LYS B 64 -12.19 -31.27 7.97
C LYS B 64 -11.16 -30.91 9.05
N SER B 65 -11.30 -31.54 10.22
CA SER B 65 -10.45 -31.16 11.34
C SER B 65 -8.96 -31.43 11.08
N VAL B 66 -8.14 -30.58 11.65
CA VAL B 66 -6.72 -30.71 11.53
C VAL B 66 -6.17 -30.34 12.91
N THR B 67 -4.97 -30.79 13.24
CA THR B 67 -4.35 -30.48 14.52
C THR B 67 -2.90 -30.04 14.30
N TYR B 68 -2.49 -28.97 14.98
CA TYR B 68 -1.09 -28.56 15.04
C TYR B 68 -0.46 -28.93 16.38
N GLU B 69 0.72 -29.54 16.33
CA GLU B 69 1.35 -30.08 17.53
C GLU B 69 2.72 -29.48 17.74
N CYS B 70 3.04 -29.18 18.99
CA CYS B 70 4.39 -28.81 19.33
C CYS B 70 4.64 -28.98 20.81
N TYR B 71 5.92 -29.09 21.18
CA TYR B 71 6.35 -29.18 22.55
C TYR B 71 6.86 -27.81 23.04
N GLY B 72 6.58 -27.47 24.29
CA GLY B 72 7.14 -26.27 24.86
C GLY B 72 6.98 -26.23 26.37
N ARG B 73 7.19 -25.06 26.93
CA ARG B 73 7.20 -24.89 28.38
C ARG B 73 6.42 -23.64 28.74
N GLU B 74 5.90 -23.62 29.97
CA GLU B 74 5.40 -22.42 30.59
C GLU B 74 6.40 -21.97 31.66
N ARG B 75 6.94 -20.76 31.52
CA ARG B 75 8.13 -20.37 32.30
C ARG B 75 7.79 -19.53 33.51
N ILE B 76 8.57 -19.66 34.57
CA ILE B 76 8.29 -18.88 35.76
C ILE B 76 8.44 -17.38 35.48
N THR B 77 9.05 -17.01 34.34
CA THR B 77 9.22 -15.59 34.10
C THR B 77 7.93 -15.15 33.37
N PHE B 78 7.03 -14.58 34.16
CA PHE B 78 5.72 -14.06 33.72
C PHE B 78 4.82 -15.03 33.02
N GLY B 79 5.06 -16.32 33.24
CA GLY B 79 4.32 -17.35 32.54
C GLY B 79 4.52 -17.38 31.03
N ARG B 80 5.60 -16.78 30.53
CA ARG B 80 5.82 -16.79 29.09
C ARG B 80 5.90 -18.25 28.56
N ILE B 81 5.45 -18.41 27.33
CA ILE B 81 5.46 -19.69 26.67
C ILE B 81 6.70 -19.76 25.80
N SER B 82 7.46 -20.85 25.95
CA SER B 82 8.55 -21.11 25.02
C SER B 82 8.16 -22.29 24.19
N ILE B 83 8.22 -22.20 22.87
CA ILE B 83 7.95 -23.38 22.03
C ILE B 83 9.29 -23.98 21.57
N ASP B 84 9.59 -25.21 22.00
CA ASP B 84 10.90 -25.80 21.79
C ASP B 84 11.04 -26.70 20.55
N SER B 85 9.94 -26.96 19.83
CA SER B 85 9.99 -27.96 18.77
C SER B 85 9.30 -27.39 17.57
N LEU B 86 9.57 -27.94 16.40
CA LEU B 86 8.91 -27.50 15.17
C LEU B 86 7.38 -27.64 15.30
N ILE B 87 6.66 -26.79 14.56
CA ILE B 87 5.22 -26.87 14.57
C ILE B 87 4.72 -27.75 13.42
N VAL B 88 4.06 -28.84 13.81
CA VAL B 88 3.69 -29.91 12.89
C VAL B 88 2.18 -29.97 12.67
N ARG B 89 1.79 -30.07 11.41
CA ARG B 89 0.39 -30.21 11.06
C ARG B 89 0.01 -31.68 10.96
N VAL B 90 -0.96 -32.10 11.77
CA VAL B 90 -1.41 -33.49 11.76
C VAL B 90 -2.81 -33.68 11.21
N GLN B 91 -2.92 -34.32 10.04
CA GLN B 91 -4.21 -34.76 9.58
C GLN B 91 -4.18 -36.24 9.23
N ASP B 92 -3.61 -36.54 8.06
N ASP B 92 -3.63 -36.56 8.07
CA ASP B 92 -3.45 -37.91 7.61
CA ASP B 92 -3.45 -37.94 7.72
C ASP B 92 -2.09 -38.34 8.12
C ASP B 92 -2.07 -38.32 8.18
N GLY B 93 -1.06 -37.66 7.62
CA GLY B 93 0.29 -37.84 8.09
C GLY B 93 0.64 -36.64 8.94
N LYS B 94 1.94 -36.51 9.19
CA LYS B 94 2.47 -35.43 9.98
C LYS B 94 3.44 -34.67 9.08
N GLN B 95 3.34 -33.34 9.07
CA GLN B 95 4.30 -32.55 8.33
C GLN B 95 4.55 -31.19 8.99
N GLU B 96 5.80 -30.77 9.00
CA GLU B 96 6.13 -29.46 9.51
C GLU B 96 5.38 -28.45 8.66
N ILE B 97 4.79 -27.45 9.30
CA ILE B 97 4.00 -26.48 8.56
C ILE B 97 4.88 -25.55 7.71
N GLN B 98 4.57 -25.46 6.41
CA GLN B 98 5.26 -24.58 5.48
C GLN B 98 4.62 -23.22 5.17
N SER B 99 3.38 -23.04 5.58
CA SER B 99 2.64 -21.86 5.18
C SER B 99 2.05 -21.19 6.39
N VAL B 100 2.58 -20.00 6.72
CA VAL B 100 2.07 -19.28 7.86
C VAL B 100 0.60 -18.89 7.58
N ALA B 101 0.28 -18.57 6.32
CA ALA B 101 -1.11 -18.25 6.00
C ALA B 101 -2.05 -19.42 6.29
N GLN B 102 -1.64 -20.63 5.91
CA GLN B 102 -2.46 -21.81 6.12
C GLN B 102 -2.65 -22.10 7.62
N PHE B 103 -1.55 -22.03 8.37
CA PHE B 103 -1.62 -22.23 9.81
C PHE B 103 -2.69 -21.24 10.35
N LEU B 104 -2.55 -19.96 10.06
CA LEU B 104 -3.50 -18.98 10.61
C LEU B 104 -4.93 -19.18 10.07
N GLU B 105 -5.07 -19.49 8.79
CA GLU B 105 -6.41 -19.71 8.26
C GLU B 105 -7.10 -20.89 8.93
N GLU B 106 -6.37 -21.99 9.14
CA GLU B 106 -6.98 -23.20 9.70
C GLU B 106 -7.32 -23.02 11.18
N VAL B 107 -6.41 -22.41 11.92
CA VAL B 107 -6.64 -22.13 13.33
C VAL B 107 -7.79 -21.14 13.57
N PHE B 108 -7.96 -20.17 12.67
CA PHE B 108 -9.04 -19.20 12.82
C PHE B 108 -10.38 -19.56 12.14
N ARG B 109 -10.48 -20.78 11.59
CA ARG B 109 -11.78 -21.30 11.22
C ARG B 109 -12.50 -21.79 12.49
N VAL B 110 -11.70 -22.21 13.46
CA VAL B 110 -12.22 -22.64 14.75
C VAL B 110 -12.46 -21.45 15.68
N VAL B 111 -11.52 -20.52 15.70
CA VAL B 111 -11.57 -19.39 16.62
C VAL B 111 -11.84 -18.09 15.85
N ASN B 112 -12.89 -17.36 16.19
CA ASN B 112 -13.23 -16.17 15.40
C ASN B 112 -12.37 -14.91 15.54
N VAL B 113 -11.95 -14.36 14.40
CA VAL B 113 -11.27 -13.06 14.39
C VAL B 113 -11.85 -12.14 13.31
N GLU B 114 -11.37 -10.90 13.25
CA GLU B 114 -11.80 -10.01 12.17
C GLU B 114 -10.98 -10.36 10.93
N GLN B 115 -11.69 -10.79 9.89
CA GLN B 115 -11.10 -11.28 8.65
C GLN B 115 -10.13 -10.29 8.05
N THR B 116 -10.60 -9.06 7.93
CA THR B 116 -9.80 -7.92 7.54
C THR B 116 -8.49 -7.81 8.33
N LYS B 117 -8.56 -7.88 9.66
CA LYS B 117 -7.34 -7.76 10.47
C LYS B 117 -6.47 -8.98 10.22
N LEU B 118 -7.09 -10.17 10.19
CA LEU B 118 -6.36 -11.40 9.86
C LEU B 118 -5.55 -11.33 8.56
N ASP B 119 -6.16 -10.83 7.49
CA ASP B 119 -5.43 -10.68 6.23
C ASP B 119 -4.20 -9.76 6.35
N SER B 120 -4.36 -8.55 6.91
CA SER B 120 -3.20 -7.69 7.14
C SER B 120 -2.09 -8.35 7.96
N PHE B 121 -2.49 -9.02 9.02
CA PHE B 121 -1.55 -9.68 9.90
C PHE B 121 -0.77 -10.77 9.16
N ILE B 122 -1.47 -11.58 8.38
CA ILE B 122 -0.83 -12.63 7.58
C ILE B 122 0.19 -12.00 6.64
N HIS B 123 -0.21 -10.88 6.00
CA HIS B 123 0.66 -10.15 5.07
C HIS B 123 1.92 -9.65 5.77
N GLU B 124 1.77 -9.15 6.99
CA GLU B 124 2.91 -8.65 7.74
C GLU B 124 3.85 -9.75 8.16
N LEU B 125 3.27 -10.91 8.49
CA LEU B 125 4.07 -12.06 8.86
C LEU B 125 4.90 -12.55 7.66
N GLU B 126 4.29 -12.58 6.48
CA GLU B 126 4.97 -12.99 5.27
C GLU B 126 6.04 -11.97 4.87
N GLN B 127 5.75 -10.69 5.06
CA GLN B 127 6.74 -9.69 4.73
C GLN B 127 7.90 -9.75 5.70
N THR B 128 7.63 -10.13 6.95
CA THR B 128 8.66 -10.27 7.97
C THR B 128 9.62 -11.38 7.58
N ILE B 129 9.05 -12.55 7.31
CA ILE B 129 9.81 -13.67 6.81
C ILE B 129 10.63 -13.26 5.60
N PHE B 130 10.01 -12.53 4.68
CA PHE B 130 10.72 -12.13 3.47
C PHE B 130 11.89 -11.19 3.76
N LYS B 131 11.63 -10.10 4.48
CA LYS B 131 12.71 -9.18 4.79
C LYS B 131 13.78 -9.77 5.71
N ASP B 132 13.41 -10.66 6.65
CA ASP B 132 14.44 -11.12 7.55
C ASP B 132 15.32 -12.19 6.90
N THR B 133 14.73 -12.99 6.02
CA THR B 133 15.49 -13.96 5.24
C THR B 133 16.66 -13.31 4.49
N ILE B 134 16.42 -12.17 3.86
CA ILE B 134 17.51 -11.48 3.15
C ILE B 134 18.57 -11.00 4.14
N ALA B 135 18.13 -10.46 5.27
CA ALA B 135 19.11 -10.01 6.26
C ALA B 135 19.96 -11.19 6.85
N GLN B 136 19.31 -12.27 7.27
CA GLN B 136 20.02 -13.43 7.82
C GLN B 136 20.94 -14.01 6.74
N TYR B 137 20.54 -13.94 5.48
CA TYR B 137 21.36 -14.49 4.44
C TYR B 137 22.60 -13.63 4.14
N GLU B 138 22.50 -12.32 4.28
CA GLU B 138 23.64 -11.45 4.01
C GLU B 138 24.67 -11.36 5.15
N ARG B 139 24.27 -11.74 6.37
CA ARG B 139 25.10 -11.58 7.56
C ARG B 139 26.32 -12.51 7.54
N CYS B 140 27.44 -12.00 8.07
CA CYS B 140 28.71 -12.75 8.15
C CYS B 140 28.89 -13.64 9.40
N ASN B 141 30.01 -14.35 9.47
CA ASN B 141 30.35 -15.20 10.63
C ASN B 141 31.79 -15.01 11.11
N LYS B 148 33.32 -4.60 18.56
CA LYS B 148 32.22 -3.81 18.03
C LYS B 148 31.93 -2.57 18.89
N SER B 149 32.04 -1.39 18.28
CA SER B 149 31.65 -0.13 18.93
C SER B 149 30.12 0.00 18.92
N TYR B 150 29.61 1.08 19.52
CA TYR B 150 28.16 1.31 19.60
C TYR B 150 27.48 1.33 18.24
N ASP B 151 27.98 2.19 17.36
CA ASP B 151 27.37 2.39 16.06
C ASP B 151 27.38 1.11 15.24
N GLU B 152 28.48 0.36 15.30
CA GLU B 152 28.62 -0.93 14.62
C GLU B 152 27.61 -1.94 15.14
N LEU B 153 27.36 -1.95 16.44
CA LEU B 153 26.36 -2.87 17.00
C LEU B 153 24.92 -2.53 16.62
N GLU B 154 24.57 -1.25 16.58
CA GLU B 154 23.21 -0.88 16.20
C GLU B 154 22.86 -1.60 14.90
N ASN B 155 23.74 -1.51 13.90
CA ASN B 155 23.46 -2.13 12.59
C ASN B 155 23.81 -3.62 12.48
N HIS B 156 24.61 -4.12 13.40
CA HIS B 156 24.90 -5.55 13.37
C HIS B 156 23.95 -6.44 14.19
N LEU B 157 23.10 -5.85 15.03
CA LEU B 157 22.07 -6.70 15.62
C LEU B 157 20.92 -6.57 14.67
N ILE B 158 20.74 -7.62 13.89
CA ILE B 158 19.74 -7.63 12.85
C ILE B 158 18.49 -8.41 13.26
N ASP B 159 18.45 -8.92 14.48
CA ASP B 159 17.39 -9.89 14.80
C ASP B 159 16.01 -9.26 15.02
N GLY B 160 15.97 -8.02 15.50
CA GLY B 160 14.69 -7.39 15.75
C GLY B 160 14.02 -8.04 16.95
N HIS B 161 12.73 -7.84 17.04
CA HIS B 161 12.01 -8.16 18.25
C HIS B 161 11.81 -9.66 18.49
N PRO B 162 12.16 -10.10 19.69
CA PRO B 162 12.05 -11.47 20.26
C PRO B 162 10.60 -11.90 20.62
N TYR B 163 9.68 -10.92 20.70
CA TYR B 163 8.28 -11.22 20.98
C TYR B 163 7.38 -11.13 19.75
N HIS B 164 7.28 -9.91 19.18
CA HIS B 164 6.34 -9.66 18.08
C HIS B 164 6.61 -10.60 16.93
N PRO B 165 5.61 -11.43 16.56
CA PRO B 165 5.87 -12.36 15.46
C PRO B 165 6.15 -11.69 14.11
N SER B 166 5.58 -10.53 13.80
CA SER B 166 6.19 -9.87 12.66
C SER B 166 7.04 -8.66 13.10
N TYR B 167 8.35 -8.90 13.18
CA TYR B 167 9.32 -7.91 13.67
C TYR B 167 10.05 -7.14 12.58
N LYS B 168 9.94 -7.65 11.37
CA LYS B 168 10.39 -7.09 10.08
C LYS B 168 9.45 -6.56 8.96
N ALA B 169 8.16 -6.43 9.21
CA ALA B 169 7.21 -6.28 8.09
C ALA B 169 7.63 -5.27 7.03
N ARG B 170 7.96 -4.07 7.48
CA ARG B 170 8.32 -2.97 6.58
C ARG B 170 7.36 -2.81 5.39
N ILE B 171 6.05 -2.76 5.65
CA ILE B 171 5.07 -2.56 4.57
C ILE B 171 5.28 -1.20 3.87
N GLY B 172 5.43 -1.24 2.55
CA GLY B 172 5.91 -0.13 1.76
C GLY B 172 7.29 -0.28 1.14
N PHE B 173 8.16 -1.17 1.65
CA PHE B 173 9.44 -1.49 1.00
C PHE B 173 9.31 -2.77 0.18
N GLN B 174 9.63 -2.70 -1.11
CA GLN B 174 9.90 -3.94 -1.84
C GLN B 174 11.41 -4.23 -1.70
N TYR B 175 11.91 -5.29 -2.34
CA TYR B 175 13.27 -5.71 -2.03
C TYR B 175 14.35 -4.63 -2.27
N ARG B 176 14.20 -3.82 -3.32
CA ARG B 176 15.21 -2.86 -3.70
C ARG B 176 15.32 -1.71 -2.69
N ASP B 177 14.19 -1.13 -2.33
CA ASP B 177 14.16 -0.16 -1.25
C ASP B 177 14.67 -0.76 0.06
N ASN B 178 14.38 -2.04 0.28
CA ASN B 178 14.81 -2.67 1.52
C ASN B 178 16.35 -2.70 1.58
N PHE B 179 16.97 -3.11 0.48
CA PHE B 179 18.41 -3.04 0.30
C PHE B 179 18.96 -1.63 0.53
N ARG B 180 18.23 -0.62 0.07
CA ARG B 180 18.74 0.73 0.17
C ARG B 180 18.66 1.29 1.58
N TYR B 181 17.48 1.22 2.17
CA TYR B 181 17.23 1.81 3.48
C TYR B 181 17.21 0.92 4.71
N GLY B 182 17.27 -0.40 4.53
CA GLY B 182 17.18 -1.29 5.68
C GLY B 182 18.45 -1.12 6.49
N TYR B 183 18.28 -1.03 7.81
CA TYR B 183 19.39 -0.70 8.67
C TYR B 183 20.49 -1.78 8.65
N GLU B 184 20.13 -3.00 8.25
CA GLU B 184 21.12 -4.09 8.18
C GLU B 184 22.21 -3.80 7.16
N PHE B 185 21.87 -3.02 6.13
CA PHE B 185 22.78 -2.84 5.01
C PHE B 185 23.70 -1.64 5.09
N MSE B 186 23.46 -0.80 6.10
CA MSE B 186 24.37 0.28 6.48
C MSE B 186 24.75 1.17 5.32
O MSE B 186 25.91 1.50 5.14
CB MSE B 186 25.66 -0.29 7.07
CG MSE B 186 25.50 -0.91 8.43
SE MSE B 186 27.25 -1.37 9.16
CE MSE B 186 27.62 -2.93 8.06
N ARG B 187 23.76 1.49 4.50
CA ARG B 187 24.00 2.29 3.32
C ARG B 187 23.97 3.76 3.72
N PRO B 188 24.96 4.52 3.27
CA PRO B 188 24.97 5.96 3.56
C PRO B 188 23.89 6.66 2.77
N ILE B 189 23.19 7.61 3.36
CA ILE B 189 22.17 8.36 2.63
C ILE B 189 22.18 9.83 3.00
N LYS B 190 21.61 10.64 2.11
CA LYS B 190 21.58 12.09 2.28
C LYS B 190 20.19 12.44 2.68
N LEU B 191 20.06 13.39 3.59
CA LEU B 191 18.75 13.94 3.89
C LEU B 191 18.41 14.89 2.78
N ILE B 192 17.13 14.97 2.46
CA ILE B 192 16.61 16.00 1.58
C ILE B 192 16.20 17.21 2.44
N TRP B 193 16.68 18.40 2.10
CA TRP B 193 16.24 19.62 2.78
C TRP B 193 15.11 20.29 2.01
N ILE B 194 14.03 20.61 2.72
CA ILE B 194 12.96 21.39 2.11
C ILE B 194 12.70 22.66 2.91
N ALA B 195 12.19 23.68 2.25
CA ALA B 195 11.62 24.81 2.94
C ALA B 195 10.12 24.57 3.09
N ALA B 196 9.59 24.88 4.26
CA ALA B 196 8.17 24.71 4.52
C ALA B 196 7.60 26.03 5.00
N HIS B 197 6.51 26.47 4.40
CA HIS B 197 5.88 27.74 4.74
C HIS B 197 5.22 27.76 6.15
N LYS B 198 5.45 28.86 6.85
CA LYS B 198 5.14 28.98 8.26
C LYS B 198 3.63 29.08 8.47
N LYS B 199 2.88 29.21 7.40
CA LYS B 199 1.44 29.07 7.51
C LYS B 199 1.12 27.71 8.14
N ASN B 200 1.72 26.65 7.60
CA ASN B 200 1.64 25.32 8.20
C ASN B 200 2.82 24.75 8.99
N ALA B 201 3.94 25.46 9.02
CA ALA B 201 5.13 24.86 9.64
C ALA B 201 5.35 25.53 10.98
N THR B 202 5.74 24.73 11.98
CA THR B 202 6.11 25.25 13.29
C THR B 202 7.29 24.51 13.87
N VAL B 203 8.08 25.26 14.61
CA VAL B 203 9.10 24.74 15.46
C VAL B 203 8.38 24.17 16.69
N GLY B 204 9.03 23.31 17.43
CA GLY B 204 8.46 22.79 18.67
C GLY B 204 8.13 23.88 19.69
N TYR B 205 7.26 23.57 20.64
CA TYR B 205 6.83 24.54 21.64
C TYR B 205 8.05 25.16 22.31
N GLU B 206 8.11 26.50 22.28
CA GLU B 206 9.15 27.30 22.94
C GLU B 206 10.57 26.96 22.49
N ASN B 207 10.68 26.38 21.30
CA ASN B 207 11.94 25.93 20.74
C ASN B 207 12.59 26.90 19.74
N GLU B 208 11.95 28.02 19.46
CA GLU B 208 12.48 28.97 18.46
C GLU B 208 13.97 29.34 18.58
N VAL B 209 14.45 29.66 19.77
CA VAL B 209 15.84 30.06 19.86
C VAL B 209 16.79 28.90 19.58
N ILE B 210 16.52 27.75 20.18
CA ILE B 210 17.36 26.57 19.99
C ILE B 210 17.30 26.10 18.53
N TYR B 211 16.12 26.18 17.93
CA TYR B 211 15.97 25.81 16.54
C TYR B 211 16.82 26.69 15.61
N ASP B 212 16.79 28.01 15.79
CA ASP B 212 17.58 28.91 14.94
C ASP B 212 19.07 28.53 15.01
N LYS B 213 19.52 28.17 16.20
CA LYS B 213 20.92 27.87 16.48
C LYS B 213 21.31 26.55 15.82
N ILE B 214 20.40 25.59 15.88
CA ILE B 214 20.60 24.26 15.33
C ILE B 214 20.64 24.20 13.80
N LEU B 215 19.84 25.01 13.14
CA LEU B 215 19.98 25.20 11.69
C LEU B 215 21.33 25.76 11.26
N LYS B 216 21.92 26.64 12.07
CA LYS B 216 23.22 27.16 11.73
C LYS B 216 24.11 25.97 11.47
N SER B 217 24.23 25.08 12.46
CA SER B 217 25.16 23.95 12.43
C SER B 217 24.76 22.89 11.41
N GLU B 218 23.48 22.59 11.34
CA GLU B 218 23.06 21.44 10.54
C GLU B 218 23.10 21.71 9.03
N VAL B 219 22.66 22.89 8.60
CA VAL B 219 22.81 23.33 7.22
C VAL B 219 24.16 24.01 6.87
N GLY B 220 24.60 24.91 7.75
CA GLY B 220 25.73 25.78 7.50
C GLY B 220 25.28 27.16 7.06
N GLU B 221 26.01 28.20 7.42
CA GLU B 221 25.58 29.54 7.06
C GLU B 221 25.63 29.71 5.56
N ARG B 222 26.62 29.11 4.91
CA ARG B 222 26.81 29.32 3.49
C ARG B 222 25.65 28.72 2.73
N LYS B 223 25.33 27.47 3.05
CA LYS B 223 24.26 26.75 2.39
C LYS B 223 22.92 27.44 2.66
N LEU B 224 22.69 27.79 3.93
CA LEU B 224 21.43 28.41 4.34
C LEU B 224 21.26 29.70 3.60
N GLU B 225 22.37 30.38 3.34
CA GLU B 225 22.32 31.66 2.67
C GLU B 225 21.92 31.39 1.25
N ALA B 226 22.43 30.30 0.71
CA ALA B 226 22.18 29.94 -0.67
C ALA B 226 20.78 29.37 -0.82
N TYR B 227 20.31 28.73 0.25
CA TYR B 227 18.93 28.26 0.28
C TYR B 227 17.98 29.46 0.25
N LYS B 228 18.28 30.47 1.04
CA LYS B 228 17.44 31.66 1.05
C LYS B 228 17.44 32.38 -0.29
N GLU B 229 18.54 32.32 -1.02
CA GLU B 229 18.62 33.05 -2.28
C GLU B 229 17.83 32.32 -3.35
N ARG B 230 17.71 31.01 -3.20
CA ARG B 230 16.94 30.23 -4.15
C ARG B 230 15.44 30.52 -4.00
N ILE B 231 14.94 30.46 -2.77
CA ILE B 231 13.55 30.80 -2.46
C ILE B 231 13.21 32.20 -2.96
N HIS B 232 14.11 33.16 -2.73
CA HIS B 232 13.86 34.55 -3.13
C HIS B 232 13.71 34.74 -4.63
N SER B 233 14.41 33.92 -5.40
CA SER B 233 14.38 34.02 -6.85
C SER B 233 13.19 33.28 -7.45
N MSE B 234 12.42 32.63 -6.59
CA MSE B 234 11.11 32.09 -6.98
C MSE B 234 10.00 33.06 -6.64
O MSE B 234 8.83 32.70 -6.67
CB MSE B 234 10.84 30.75 -6.32
CG MSE B 234 11.99 29.83 -6.44
SE MSE B 234 11.64 28.23 -5.45
CE MSE B 234 10.71 27.29 -6.95
N GLY B 235 10.38 34.25 -6.18
CA GLY B 235 9.41 35.26 -5.81
C GLY B 235 8.71 34.94 -4.50
N CYS B 236 9.42 34.25 -3.62
CA CYS B 236 8.86 33.94 -2.31
C CYS B 236 9.73 34.60 -1.27
N ASP B 237 9.16 34.80 -0.08
CA ASP B 237 9.83 35.52 0.96
C ASP B 237 10.48 34.52 1.93
N PRO B 238 11.81 34.44 1.88
CA PRO B 238 12.61 33.54 2.73
C PRO B 238 12.23 33.60 4.23
N LYS B 239 11.77 34.75 4.71
CA LYS B 239 11.36 34.86 6.11
C LYS B 239 10.02 34.15 6.43
N GLN B 240 9.30 33.68 5.42
CA GLN B 240 8.05 32.96 5.64
C GLN B 240 8.21 31.44 5.74
N TYR B 241 9.46 30.97 5.76
CA TYR B 241 9.72 29.53 5.74
C TYR B 241 10.58 28.99 6.88
N LEU B 242 10.26 27.79 7.32
CA LEU B 242 11.18 27.01 8.14
C LEU B 242 11.86 25.95 7.24
N PHE B 243 12.77 25.18 7.79
CA PHE B 243 13.56 24.24 7.03
C PHE B 243 13.49 22.90 7.71
N ILE B 244 13.13 21.86 6.95
CA ILE B 244 12.99 20.53 7.52
C ILE B 244 13.74 19.50 6.68
N PRO B 245 14.49 18.63 7.35
CA PRO B 245 15.15 17.52 6.68
C PRO B 245 14.14 16.36 6.46
N VAL B 246 14.22 15.66 5.32
CA VAL B 246 13.25 14.63 4.98
C VAL B 246 14.02 13.37 4.57
N HIS B 247 13.55 12.22 5.04
CA HIS B 247 14.14 10.96 4.59
C HIS B 247 13.98 10.88 3.09
N PRO B 248 15.03 10.51 2.35
CA PRO B 248 14.87 10.48 0.89
C PRO B 248 13.82 9.47 0.42
N TRP B 249 13.55 8.39 1.17
CA TRP B 249 12.45 7.47 0.75
C TRP B 249 11.12 8.18 0.94
N GLN B 250 11.02 8.92 2.03
CA GLN B 250 9.79 9.62 2.35
C GLN B 250 9.53 10.69 1.30
N TRP B 251 10.58 11.38 0.90
CA TRP B 251 10.44 12.48 -0.05
C TRP B 251 9.96 11.95 -1.41
N GLU B 252 10.63 10.93 -1.91
CA GLU B 252 10.31 10.46 -3.25
C GLU B 252 9.08 9.57 -3.34
N ASN B 253 8.79 8.81 -2.29
CA ASN B 253 7.65 7.90 -2.35
C ASN B 253 6.38 8.37 -1.71
N PHE B 254 6.49 9.47 -0.98
CA PHE B 254 5.35 9.95 -0.23
C PHE B 254 5.04 11.46 -0.36
N ILE B 255 6.00 12.30 0.06
CA ILE B 255 5.82 13.73 -0.03
C ILE B 255 5.53 14.22 -1.46
N ILE B 256 6.41 13.91 -2.40
CA ILE B 256 6.25 14.42 -3.76
C ILE B 256 4.90 14.05 -4.31
N SER B 257 4.47 12.81 -4.08
CA SER B 257 3.23 12.38 -4.70
C SER B 257 2.00 12.86 -3.94
N ASN B 258 2.07 12.96 -2.62
CA ASN B 258 0.91 13.42 -1.83
C ASN B 258 0.80 14.91 -1.49
N TYR B 259 1.88 15.64 -1.69
CA TYR B 259 1.95 17.07 -1.51
C TYR B 259 1.96 17.93 -2.74
N ALA B 260 1.65 17.33 -3.89
CA ALA B 260 1.76 18.07 -5.13
C ALA B 260 1.14 19.46 -5.00
N GLU B 261 0.01 19.59 -4.34
CA GLU B 261 -0.62 20.91 -4.33
C GLU B 261 0.20 21.94 -3.50
N ASP B 262 0.85 21.47 -2.45
CA ASP B 262 1.77 22.31 -1.67
C ASP B 262 3.01 22.66 -2.48
N ILE B 263 3.53 21.72 -3.26
CA ILE B 263 4.66 22.04 -4.11
C ILE B 263 4.26 23.09 -5.15
N GLN B 264 3.09 22.93 -5.73
CA GLN B 264 2.57 23.86 -6.72
C GLN B 264 2.48 25.32 -6.21
N ASP B 265 1.96 25.49 -5.00
CA ASP B 265 1.75 26.80 -4.42
C ASP B 265 2.89 27.27 -3.52
N LYS B 266 3.99 26.52 -3.48
CA LYS B 266 5.17 26.90 -2.71
C LYS B 266 4.97 26.89 -1.21
N GLY B 267 3.98 26.13 -0.76
CA GLY B 267 3.89 25.75 0.65
C GLY B 267 5.12 24.94 1.05
N ILE B 268 5.68 24.21 0.06
CA ILE B 268 6.85 23.36 0.22
C ILE B 268 7.80 23.60 -0.94
N ILE B 269 9.08 23.76 -0.65
CA ILE B 269 10.02 24.03 -1.72
C ILE B 269 11.24 23.14 -1.50
N TYR B 270 11.62 22.44 -2.56
CA TYR B 270 12.75 21.55 -2.52
C TYR B 270 14.04 22.38 -2.58
N LEU B 271 14.95 22.15 -1.64
CA LEU B 271 16.24 22.83 -1.62
C LEU B 271 17.38 21.93 -2.15
N GLY B 272 17.62 20.81 -1.50
CA GLY B 272 18.67 19.89 -1.94
C GLY B 272 19.05 18.86 -0.90
N GLU B 273 20.27 18.34 -1.00
CA GLU B 273 20.71 17.22 -0.17
C GLU B 273 21.63 17.69 0.95
N SER B 274 21.62 16.99 2.09
CA SER B 274 22.54 17.37 3.15
C SER B 274 23.98 17.19 2.71
N ALA B 275 24.90 17.96 3.29
CA ALA B 275 26.33 17.77 3.01
C ALA B 275 26.78 16.45 3.60
N ASP B 276 26.35 16.17 4.82
CA ASP B 276 26.75 14.96 5.52
C ASP B 276 25.97 13.71 5.08
N ASP B 277 26.61 12.56 5.25
CA ASP B 277 25.98 11.27 5.05
C ASP B 277 25.37 10.76 6.36
N TYR B 278 24.25 10.08 6.24
CA TYR B 278 23.60 9.53 7.41
C TYR B 278 23.43 8.04 7.22
N CYS B 279 23.17 7.38 8.32
CA CYS B 279 23.00 5.95 8.28
C CYS B 279 21.91 5.58 9.29
N ALA B 280 20.99 4.70 8.91
CA ALA B 280 19.88 4.34 9.80
C ALA B 280 20.34 3.55 10.99
N GLN B 281 19.64 3.72 12.11
CA GLN B 281 19.73 2.83 13.29
C GLN B 281 18.66 1.71 13.23
N GLN B 282 18.51 0.95 14.32
CA GLN B 282 17.52 -0.10 14.38
C GLN B 282 16.13 0.39 14.06
N SER B 283 15.87 1.67 14.33
CA SER B 283 14.54 2.27 14.17
C SER B 283 14.25 2.60 12.71
N MSE B 284 15.31 2.87 11.96
CA MSE B 284 15.27 3.19 10.53
C MSE B 284 14.74 4.57 10.13
O MSE B 284 15.14 5.08 9.09
CB MSE B 284 14.47 2.16 9.78
CG MSE B 284 15.26 0.89 9.58
SE MSE B 284 14.30 -0.26 8.42
CE MSE B 284 14.20 0.94 6.88
N ARG B 285 13.96 5.23 10.97
CA ARG B 285 13.60 6.62 10.70
C ARG B 285 14.49 7.52 11.54
N THR B 286 15.35 6.90 12.34
CA THR B 286 16.32 7.64 13.13
C THR B 286 17.70 7.47 12.53
N LEU B 287 18.32 8.56 12.15
CA LEU B 287 19.53 8.52 11.39
C LEU B 287 20.68 9.17 12.14
N ARG B 288 21.83 8.49 12.15
N ARG B 288 21.84 8.50 12.16
CA ARG B 288 23.05 9.03 12.75
CA ARG B 288 23.04 9.03 12.77
C ARG B 288 23.87 9.71 11.67
C ARG B 288 23.90 9.67 11.68
N ASN B 289 24.61 10.74 12.04
CA ASN B 289 25.44 11.42 11.10
C ASN B 289 26.74 10.62 11.02
N VAL B 290 27.04 10.08 9.84
CA VAL B 290 28.20 9.19 9.68
C VAL B 290 29.48 10.01 9.54
N THR B 291 29.35 11.16 8.90
CA THR B 291 30.44 12.04 8.58
C THR B 291 30.95 12.72 9.85
N ASN B 292 30.02 13.07 10.75
CA ASN B 292 30.38 13.75 11.98
C ASN B 292 29.65 13.17 13.21
N PRO B 293 30.20 12.10 13.79
CA PRO B 293 29.52 11.32 14.82
C PRO B 293 29.06 12.10 16.05
N LYS B 294 29.66 13.26 16.32
CA LYS B 294 29.20 14.05 17.47
C LYS B 294 27.92 14.83 17.17
N ARG B 295 27.65 15.04 15.89
CA ARG B 295 26.44 15.73 15.51
C ARG B 295 25.20 14.92 15.90
N PRO B 296 24.09 15.61 16.10
CA PRO B 296 22.85 14.98 16.57
C PRO B 296 22.25 14.02 15.53
N TYR B 297 21.49 13.05 16.03
CA TYR B 297 20.65 12.18 15.22
C TYR B 297 19.44 12.97 14.73
N VAL B 298 18.85 12.44 13.66
CA VAL B 298 17.65 12.99 13.07
C VAL B 298 16.60 11.88 13.11
N LYS B 299 15.46 12.18 13.71
CA LYS B 299 14.34 11.25 13.71
C LYS B 299 13.29 11.87 12.81
N VAL B 300 12.99 11.18 11.71
CA VAL B 300 12.15 11.79 10.68
C VAL B 300 10.95 10.94 10.34
N SER B 301 9.94 11.57 9.74
CA SER B 301 8.71 10.87 9.36
C SER B 301 9.01 9.78 8.32
N LEU B 302 8.41 8.60 8.47
CA LEU B 302 8.53 7.61 7.41
C LEU B 302 7.21 6.91 7.24
N ASN B 303 6.62 6.90 6.05
CA ASN B 303 5.34 6.26 6.06
C ASN B 303 5.51 4.83 5.56
N ILE B 304 5.70 3.94 6.53
CA ILE B 304 5.87 2.52 6.29
C ILE B 304 5.38 1.90 7.57
N LEU B 305 4.99 0.66 7.47
CA LEU B 305 4.44 -0.02 8.61
C LEU B 305 5.39 -1.11 9.07
N ASN B 306 5.88 -0.94 10.28
CA ASN B 306 6.72 -1.90 10.97
C ASN B 306 6.10 -2.23 12.29
N THR B 307 5.82 -3.51 12.51
CA THR B 307 5.17 -3.96 13.74
C THR B 307 3.74 -3.41 13.86
N SER B 308 3.10 -3.20 12.71
CA SER B 308 1.68 -2.88 12.63
C SER B 308 1.29 -1.39 12.78
N THR B 309 2.27 -0.52 13.05
CA THR B 309 2.01 0.91 13.18
C THR B 309 2.78 1.76 12.16
N LEU B 310 2.14 2.81 11.65
CA LEU B 310 2.81 3.84 10.84
C LEU B 310 3.92 4.61 11.60
N ARG B 311 5.03 4.83 10.90
CA ARG B 311 6.29 5.42 11.38
C ARG B 311 6.27 6.96 11.26
N THR B 312 5.08 7.49 11.06
CA THR B 312 4.89 8.93 11.15
C THR B 312 5.24 9.45 12.54
N LEU B 313 5.52 10.75 12.62
CA LEU B 313 5.60 11.45 13.88
C LEU B 313 4.30 12.20 14.16
N LYS B 314 3.58 11.81 15.21
CA LYS B 314 2.43 12.58 15.66
C LYS B 314 2.84 14.06 15.87
N PRO B 315 2.14 14.98 15.18
CA PRO B 315 2.38 16.43 15.30
C PRO B 315 2.39 16.92 16.75
N TYR B 316 1.44 16.46 17.58
CA TYR B 316 1.44 16.92 18.94
C TYR B 316 2.73 16.48 19.67
N SER B 317 3.24 15.29 19.35
CA SER B 317 4.40 14.78 20.06
C SER B 317 5.71 15.42 19.56
N VAL B 318 5.77 15.76 18.27
CA VAL B 318 6.86 16.57 17.76
C VAL B 318 6.88 17.94 18.47
N ALA B 319 5.71 18.50 18.70
CA ALA B 319 5.60 19.84 19.29
C ALA B 319 6.08 19.87 20.75
N SER B 320 5.82 18.80 21.48
CA SER B 320 6.17 18.80 22.90
C SER B 320 7.54 18.17 23.20
N ALA B 321 8.27 17.77 22.16
CA ALA B 321 9.48 17.01 22.41
C ALA B 321 10.55 17.85 23.12
N PRO B 322 10.90 19.02 22.57
CA PRO B 322 11.94 19.81 23.24
C PRO B 322 11.56 20.13 24.69
N ALA B 323 10.29 20.36 24.97
CA ALA B 323 9.89 20.69 26.36
C ALA B 323 9.92 19.51 27.29
N ILE B 324 9.61 18.32 26.77
CA ILE B 324 9.70 17.14 27.60
C ILE B 324 11.17 16.88 27.96
N SER B 325 12.09 17.11 27.02
CA SER B 325 13.49 16.80 27.32
C SER B 325 14.07 17.79 28.33
N ASN B 326 13.71 19.07 28.20
N ASN B 326 13.72 19.07 28.20
CA ASN B 326 14.15 20.09 29.16
CA ASN B 326 14.17 20.05 29.17
C ASN B 326 13.64 19.75 30.56
C ASN B 326 13.64 19.73 30.57
N TRP B 327 12.36 19.40 30.64
CA TRP B 327 11.75 18.95 31.88
C TRP B 327 12.46 17.75 32.53
N LEU B 328 12.72 16.69 31.75
CA LEU B 328 13.42 15.52 32.31
C LEU B 328 14.83 15.89 32.70
N SER B 329 15.46 16.70 31.88
CA SER B 329 16.83 17.11 32.20
C SER B 329 16.90 17.77 33.59
N ASN B 330 15.90 18.60 33.91
CA ASN B 330 15.90 19.31 35.18
C ASN B 330 15.65 18.40 36.34
N VAL B 331 14.80 17.39 36.10
CA VAL B 331 14.49 16.43 37.14
C VAL B 331 15.77 15.69 37.51
N VAL B 332 16.53 15.27 36.52
CA VAL B 332 17.76 14.54 36.76
C VAL B 332 18.83 15.40 37.46
N SER B 333 19.02 16.63 36.96
CA SER B 333 20.09 17.48 37.47
C SER B 333 19.87 17.96 38.92
N GLN B 334 18.64 17.87 39.41
N GLN B 334 18.63 17.85 39.41
CA GLN B 334 18.38 18.18 40.82
CA GLN B 334 18.33 18.17 40.81
C GLN B 334 18.33 16.95 41.75
C GLN B 334 18.32 16.95 41.75
N ASP B 335 18.63 15.76 41.23
CA ASP B 335 18.59 14.53 42.05
C ASP B 335 19.99 13.93 42.19
N SER B 336 20.51 13.89 43.42
N SER B 336 20.51 13.87 43.41
CA SER B 336 21.90 13.50 43.64
CA SER B 336 21.91 13.51 43.61
C SER B 336 22.14 12.08 43.14
C SER B 336 22.21 12.06 43.25
N TYR B 337 21.28 11.15 43.52
CA TYR B 337 21.44 9.77 43.07
C TYR B 337 21.52 9.64 41.55
N LEU B 338 20.59 10.23 40.84
CA LEU B 338 20.58 10.16 39.39
C LEU B 338 21.74 10.94 38.78
N ARG B 339 22.04 12.12 39.30
CA ARG B 339 23.04 12.98 38.70
C ARG B 339 24.46 12.46 39.02
N ASP B 340 24.69 12.13 40.29
CA ASP B 340 26.03 11.78 40.83
C ASP B 340 26.39 10.30 40.92
N GLU B 341 25.59 9.51 41.65
CA GLU B 341 25.87 8.07 41.79
C GLU B 341 25.61 7.29 40.48
N SER B 342 24.34 7.28 40.05
CA SER B 342 23.89 6.67 38.79
C SER B 342 24.51 7.26 37.53
N ARG B 343 24.55 8.58 37.47
N ARG B 343 24.51 8.57 37.44
CA ARG B 343 25.06 9.31 36.31
CA ARG B 343 25.10 9.25 36.29
C ARG B 343 24.36 8.87 35.02
C ARG B 343 24.37 8.88 35.01
N VAL B 344 23.05 8.71 35.14
CA VAL B 344 22.17 8.48 34.02
C VAL B 344 22.34 9.51 32.91
N ILE B 345 22.35 9.06 31.66
CA ILE B 345 22.41 9.95 30.51
C ILE B 345 21.01 10.01 29.90
N LEU B 346 20.49 11.21 29.64
CA LEU B 346 19.24 11.33 28.87
C LEU B 346 19.56 11.95 27.52
N LEU B 347 19.39 11.24 26.41
CA LEU B 347 19.77 11.88 25.15
C LEU B 347 18.61 12.83 24.81
N LYS B 348 18.91 14.12 24.80
CA LYS B 348 17.84 15.10 24.78
C LYS B 348 17.32 15.23 23.36
N GLU B 349 16.00 15.28 23.20
CA GLU B 349 15.45 15.61 21.92
C GLU B 349 15.32 17.12 22.05
N PHE B 350 16.29 17.85 21.51
CA PHE B 350 16.46 19.23 21.93
C PHE B 350 15.87 20.22 20.93
N SER B 351 15.42 19.71 19.81
CA SER B 351 14.81 20.56 18.81
C SER B 351 13.86 19.77 17.93
N SER B 352 12.85 20.43 17.36
CA SER B 352 11.92 19.72 16.50
C SER B 352 11.24 20.70 15.59
N VAL B 353 10.73 20.22 14.46
CA VAL B 353 10.07 21.10 13.51
C VAL B 353 9.15 20.22 12.69
N MSE B 354 8.08 20.81 12.17
CA MSE B 354 7.14 20.05 11.34
C MSE B 354 6.27 20.92 10.41
O MSE B 354 6.11 22.12 10.59
CB MSE B 354 6.21 19.30 12.25
CG MSE B 354 5.20 20.26 12.78
SE MSE B 354 4.15 19.49 14.16
CE MSE B 354 4.86 20.51 15.68
N TYR B 355 5.72 20.27 9.41
CA TYR B 355 4.79 20.89 8.49
C TYR B 355 3.52 20.05 8.57
N ASP B 356 2.45 20.65 9.06
CA ASP B 356 1.25 19.90 9.45
C ASP B 356 0.04 20.65 8.94
N THR B 357 -0.76 19.98 8.13
CA THR B 357 -1.99 20.56 7.63
C THR B 357 -3.20 19.79 8.12
N ASN B 358 -4.37 20.20 7.65
CA ASN B 358 -5.60 19.47 7.88
C ASN B 358 -5.47 17.98 7.53
N LYS B 359 -4.99 17.70 6.33
CA LYS B 359 -5.29 16.42 5.67
C LYS B 359 -5.02 15.23 6.59
N LYS B 360 -6.01 14.33 6.65
CA LYS B 360 -5.92 13.10 7.42
C LYS B 360 -4.87 12.15 6.87
N ALA B 361 -4.76 12.12 5.55
CA ALA B 361 -3.90 11.18 4.83
C ALA B 361 -2.40 11.45 4.99
N THR B 362 -2.04 12.71 5.14
CA THR B 362 -0.66 13.13 5.36
C THR B 362 -0.33 13.35 6.83
N TYR B 363 -1.27 13.01 7.71
CA TYR B 363 -1.09 13.26 9.13
C TYR B 363 0.22 12.64 9.65
N GLY B 364 1.08 13.48 10.23
CA GLY B 364 2.37 13.05 10.75
C GLY B 364 3.49 12.77 9.78
N SER B 365 3.25 13.11 8.53
CA SER B 365 4.11 12.68 7.44
C SER B 365 5.32 13.53 7.18
N LEU B 366 5.36 14.76 7.67
CA LEU B 366 6.56 15.56 7.50
C LEU B 366 6.98 16.21 8.81
N GLY B 367 7.99 15.68 9.46
CA GLY B 367 8.29 16.13 10.78
C GLY B 367 9.69 15.70 11.09
N CYS B 368 10.33 16.40 12.01
CA CYS B 368 11.68 16.07 12.39
C CYS B 368 11.94 16.35 13.87
N ILE B 369 12.64 15.44 14.54
CA ILE B 369 13.16 15.71 15.88
C ILE B 369 14.66 15.43 15.90
N TRP B 370 15.44 16.37 16.45
CA TRP B 370 16.88 16.19 16.56
C TRP B 370 17.20 15.67 17.93
N ARG B 371 18.18 14.77 18.05
CA ARG B 371 18.51 14.20 19.35
C ARG B 371 20.03 14.18 19.58
N GLU B 372 20.47 14.40 20.83
CA GLU B 372 21.90 14.40 21.16
C GLU B 372 22.55 13.08 20.80
N SER B 373 23.73 13.14 20.19
CA SER B 373 24.53 11.93 19.93
C SER B 373 25.01 11.35 21.23
N VAL B 374 24.92 10.04 21.39
CA VAL B 374 25.48 9.40 22.59
C VAL B 374 26.99 9.64 22.72
N HIS B 375 27.67 9.92 21.61
CA HIS B 375 29.12 10.23 21.66
C HIS B 375 29.49 11.49 22.42
N HIS B 376 28.53 12.42 22.52
N HIS B 376 28.56 12.43 22.56
CA HIS B 376 28.65 13.60 23.36
CA HIS B 376 28.86 13.59 23.39
C HIS B 376 29.00 13.16 24.79
C HIS B 376 29.04 13.16 24.84
N TYR B 377 28.35 12.09 25.25
CA TYR B 377 28.51 11.61 26.63
C TYR B 377 29.59 10.56 26.98
N LEU B 378 30.15 9.87 25.99
CA LEU B 378 30.95 8.70 26.32
C LEU B 378 32.34 9.09 26.76
N GLY B 379 32.78 8.58 27.90
CA GLY B 379 34.13 8.84 28.38
C GLY B 379 35.17 8.17 27.51
N GLU B 380 36.44 8.39 27.84
CA GLU B 380 37.52 7.96 26.94
C GLU B 380 37.67 6.45 26.80
N GLN B 381 37.47 5.70 27.88
CA GLN B 381 37.53 4.25 27.76
C GLN B 381 36.17 3.58 27.60
N GLU B 382 35.09 4.35 27.63
CA GLU B 382 33.74 3.80 27.60
C GLU B 382 33.28 3.45 26.17
N ASP B 383 32.52 2.37 26.01
CA ASP B 383 31.75 2.16 24.78
C ASP B 383 30.28 1.91 25.14
N ALA B 384 29.46 1.60 24.15
CA ALA B 384 28.02 1.52 24.39
C ALA B 384 27.41 0.44 23.54
N VAL B 385 26.38 -0.20 24.07
CA VAL B 385 25.68 -1.22 23.32
C VAL B 385 24.17 -0.98 23.50
N PRO B 386 23.39 -1.15 22.44
CA PRO B 386 21.93 -1.09 22.58
C PRO B 386 21.45 -2.14 23.57
N PHE B 387 20.48 -1.78 24.40
CA PHE B 387 20.15 -2.65 25.51
C PHE B 387 19.62 -4.01 25.07
N ASN B 388 18.81 -4.08 24.02
CA ASN B 388 18.41 -5.38 23.49
C ASN B 388 19.59 -6.19 22.90
N GLY B 389 20.71 -5.56 22.65
CA GLY B 389 21.89 -6.31 22.32
C GLY B 389 22.30 -7.31 23.39
N LEU B 390 22.06 -6.96 24.64
CA LEU B 390 22.47 -7.81 25.75
C LEU B 390 21.91 -9.25 25.70
N TYR B 391 20.72 -9.40 25.15
CA TYR B 391 20.14 -10.71 24.88
C TYR B 391 20.21 -11.19 23.43
N ALA B 392 20.86 -10.43 22.56
CA ALA B 392 21.08 -10.90 21.18
C ALA B 392 22.05 -12.08 21.13
N LYS B 393 21.98 -12.86 20.06
CA LYS B 393 22.92 -13.96 19.82
C LYS B 393 23.56 -13.83 18.44
N GLU B 394 24.70 -14.49 18.28
CA GLU B 394 25.41 -14.57 17.00
C GLU B 394 24.69 -15.56 16.10
N LYS B 395 24.95 -15.49 14.80
CA LYS B 395 24.27 -16.40 13.88
C LYS B 395 24.27 -17.84 14.42
N ASP B 396 25.38 -18.27 15.02
CA ASP B 396 25.54 -19.66 15.49
C ASP B 396 24.94 -19.92 16.88
N GLY B 397 24.33 -18.88 17.47
CA GLY B 397 23.63 -19.02 18.74
C GLY B 397 24.35 -18.59 20.01
N THR B 398 25.63 -18.27 19.91
CA THR B 398 26.39 -17.81 21.07
C THR B 398 25.89 -16.43 21.46
N PRO B 399 25.46 -16.26 22.72
CA PRO B 399 25.08 -14.92 23.17
C PRO B 399 26.21 -13.95 22.89
N ILE B 400 25.91 -12.75 22.43
CA ILE B 400 26.98 -11.81 22.16
C ILE B 400 27.66 -11.32 23.46
N ILE B 401 27.02 -11.48 24.62
CA ILE B 401 27.66 -11.08 25.86
C ILE B 401 28.58 -12.16 26.40
N ASP B 402 28.75 -13.24 25.64
CA ASP B 402 29.47 -14.41 26.13
C ASP B 402 30.85 -14.08 26.71
N ALA B 403 31.71 -13.42 25.95
CA ALA B 403 33.04 -13.07 26.48
C ALA B 403 32.91 -12.30 27.79
N TRP B 404 32.03 -11.32 27.87
CA TRP B 404 31.89 -10.59 29.11
C TRP B 404 31.54 -11.49 30.29
N LEU B 405 30.60 -12.41 30.08
CA LEU B 405 30.20 -13.29 31.16
C LEU B 405 31.40 -14.10 31.64
N ASN B 406 32.21 -14.59 30.70
N ASN B 406 32.24 -14.61 30.74
CA ASN B 406 33.39 -15.37 31.03
CA ASN B 406 33.40 -15.40 31.19
C ASN B 406 34.37 -14.52 31.87
C ASN B 406 34.42 -14.51 31.90
N LYS B 407 34.51 -13.25 31.49
CA LYS B 407 35.46 -12.34 32.13
C LYS B 407 35.04 -11.91 33.55
N TYR B 408 33.80 -11.44 33.71
CA TYR B 408 33.40 -10.96 35.04
C TYR B 408 32.65 -11.94 35.91
N GLY B 409 32.21 -13.05 35.33
CA GLY B 409 31.33 -13.96 36.04
C GLY B 409 29.89 -13.50 35.86
N ILE B 410 28.96 -14.44 35.87
CA ILE B 410 27.60 -14.15 35.52
C ILE B 410 26.89 -13.38 36.60
N GLU B 411 26.95 -13.89 37.82
CA GLU B 411 26.27 -13.23 38.92
C GLU B 411 26.82 -11.82 39.08
N ASN B 412 28.14 -11.65 39.04
CA ASN B 412 28.68 -10.29 39.19
C ASN B 412 28.25 -9.35 38.09
N TRP B 413 28.21 -9.86 36.87
CA TRP B 413 27.86 -9.03 35.74
C TRP B 413 26.39 -8.62 35.83
N LEU B 414 25.54 -9.58 36.17
CA LEU B 414 24.10 -9.32 36.28
C LEU B 414 23.79 -8.33 37.42
N ARG B 415 24.46 -8.46 38.56
CA ARG B 415 24.29 -7.48 39.61
C ARG B 415 24.71 -6.07 39.19
N LEU B 416 25.91 -5.92 38.62
CA LEU B 416 26.29 -4.61 38.10
C LEU B 416 25.29 -4.08 37.12
N LEU B 417 24.74 -4.95 36.26
CA LEU B 417 23.84 -4.50 35.23
C LEU B 417 22.58 -3.92 35.86
N ILE B 418 21.99 -4.68 36.78
CA ILE B 418 20.81 -4.27 37.50
C ILE B 418 21.10 -2.94 38.24
N GLN B 419 22.26 -2.86 38.92
CA GLN B 419 22.58 -1.69 39.75
C GLN B 419 22.75 -0.43 38.95
N LYS B 420 23.35 -0.54 37.76
CA LYS B 420 23.58 0.61 36.88
C LYS B 420 22.52 0.90 35.83
N ALA B 421 21.60 -0.03 35.61
CA ALA B 421 20.68 0.08 34.48
C ALA B 421 19.25 0.08 34.94
N ILE B 422 18.87 -0.98 35.63
CA ILE B 422 17.47 -1.17 35.98
C ILE B 422 17.05 -0.29 37.17
N ILE B 423 17.94 -0.18 38.17
CA ILE B 423 17.61 0.58 39.35
C ILE B 423 17.23 2.06 39.08
N PRO B 424 17.98 2.76 38.21
CA PRO B 424 17.68 4.18 38.03
C PRO B 424 16.34 4.40 37.35
N VAL B 425 15.95 3.50 36.45
CA VAL B 425 14.63 3.60 35.87
C VAL B 425 13.56 3.47 36.96
N ILE B 426 13.72 2.49 37.86
CA ILE B 426 12.74 2.27 38.92
C ILE B 426 12.77 3.43 39.91
N HIS B 427 13.99 3.92 40.19
CA HIS B 427 14.15 5.10 41.01
C HIS B 427 13.35 6.31 40.48
N LEU B 428 13.44 6.56 39.17
N LEU B 428 13.41 6.54 39.17
CA LEU B 428 12.67 7.61 38.50
CA LEU B 428 12.67 7.62 38.54
C LEU B 428 11.18 7.44 38.76
C LEU B 428 11.16 7.46 38.72
N VAL B 429 10.69 6.22 38.65
CA VAL B 429 9.29 5.94 38.89
C VAL B 429 8.89 6.26 40.33
N VAL B 430 9.65 5.76 41.30
CA VAL B 430 9.24 5.85 42.71
C VAL B 430 9.51 7.22 43.35
N GLU B 431 10.67 7.78 43.06
CA GLU B 431 11.00 9.07 43.66
C GLU B 431 10.30 10.17 42.89
N HIS B 432 10.28 10.06 41.57
CA HIS B 432 9.70 11.11 40.75
C HIS B 432 8.30 10.95 40.15
N GLY B 433 7.69 9.77 40.30
CA GLY B 433 6.48 9.43 39.56
C GLY B 433 6.53 9.53 38.04
N ILE B 434 7.67 9.24 37.45
CA ILE B 434 7.82 9.37 36.02
C ILE B 434 8.21 8.02 35.42
N ALA B 435 7.38 7.47 34.52
CA ALA B 435 7.76 6.21 33.91
C ALA B 435 8.14 6.43 32.45
N LEU B 436 9.43 6.32 32.16
CA LEU B 436 9.92 6.36 30.81
C LEU B 436 9.55 5.03 30.22
N GLU B 437 9.34 4.99 28.91
CA GLU B 437 9.06 3.72 28.30
C GLU B 437 10.42 3.03 28.23
N SER B 438 10.46 1.94 28.96
CA SER B 438 11.63 1.18 29.36
C SER B 438 11.94 -0.07 28.51
N HIS B 439 11.37 -0.16 27.32
N HIS B 439 11.37 -0.17 27.33
CA HIS B 439 11.61 -1.35 26.51
CA HIS B 439 11.65 -1.35 26.52
C HIS B 439 13.09 -1.37 26.07
C HIS B 439 13.10 -1.35 26.05
N GLY B 440 13.50 -2.41 25.36
CA GLY B 440 14.89 -2.59 25.02
C GLY B 440 15.53 -1.56 24.10
N GLN B 441 14.74 -1.00 23.20
CA GLN B 441 15.27 -0.12 22.17
C GLN B 441 15.38 1.33 22.68
N ASN B 442 14.87 1.59 23.88
CA ASN B 442 14.96 2.92 24.48
C ASN B 442 16.17 3.12 25.39
N MSE B 443 16.99 2.07 25.49
CA MSE B 443 18.00 2.04 26.51
C MSE B 443 19.33 1.66 25.90
O MSE B 443 19.41 0.80 25.03
CB MSE B 443 17.62 1.01 27.60
CG MSE B 443 16.42 1.41 28.42
SE MSE B 443 15.81 -0.01 29.69
CE MSE B 443 17.32 -0.09 30.91
N ILE B 444 20.37 2.32 26.37
CA ILE B 444 21.72 2.08 25.90
C ILE B 444 22.62 1.81 27.08
N LEU B 445 23.25 0.63 27.12
CA LEU B 445 24.22 0.38 28.19
C LEU B 445 25.56 0.99 27.85
N VAL B 446 26.07 1.83 28.75
CA VAL B 446 27.43 2.30 28.64
C VAL B 446 28.33 1.41 29.50
N HIS B 447 29.43 0.93 28.93
CA HIS B 447 30.23 -0.08 29.60
C HIS B 447 31.70 0.19 29.38
N LYS B 448 32.55 -0.44 30.20
CA LYS B 448 33.99 -0.32 29.97
C LYS B 448 34.51 -1.74 29.76
N GLU B 449 34.87 -2.04 28.52
CA GLU B 449 35.25 -3.41 28.20
C GLU B 449 34.25 -4.42 28.82
N GLY B 450 32.96 -4.13 28.68
CA GLY B 450 31.90 -5.04 29.11
C GLY B 450 31.48 -4.94 30.56
N LEU B 451 32.21 -4.17 31.35
CA LEU B 451 31.82 -3.86 32.72
C LEU B 451 30.76 -2.77 32.70
N PRO B 452 29.56 -3.05 33.26
CA PRO B 452 28.50 -2.05 33.16
C PRO B 452 28.81 -0.81 33.99
N VAL B 453 28.68 0.36 33.36
CA VAL B 453 29.00 1.64 33.98
C VAL B 453 27.74 2.46 34.33
N ARG B 454 26.95 2.77 33.31
CA ARG B 454 25.81 3.65 33.45
C ARG B 454 24.82 3.42 32.29
N ILE B 455 23.60 3.96 32.43
CA ILE B 455 22.55 3.81 31.41
C ILE B 455 22.22 5.13 30.67
N ALA B 456 21.90 5.02 29.39
CA ALA B 456 21.50 6.19 28.62
C ALA B 456 20.12 5.90 28.09
N LEU B 457 19.22 6.88 28.16
CA LEU B 457 17.82 6.65 27.80
C LEU B 457 17.45 7.57 26.66
N LYS B 458 16.56 7.10 25.81
CA LYS B 458 16.13 7.89 24.66
C LYS B 458 14.67 7.60 24.34
N ASP B 459 14.15 8.31 23.33
CA ASP B 459 12.75 8.26 22.90
C ASP B 459 11.73 8.58 24.00
N PHE B 460 11.72 9.83 24.46
CA PHE B 460 10.75 10.41 25.40
C PHE B 460 9.43 10.92 24.79
N HIS B 461 9.52 11.47 23.60
CA HIS B 461 8.45 12.27 23.09
C HIS B 461 7.13 11.49 22.98
N GLU B 462 7.20 10.26 22.50
CA GLU B 462 6.00 9.40 22.42
C GLU B 462 5.61 8.61 23.67
N GLY B 463 6.60 7.97 24.31
CA GLY B 463 6.35 6.92 25.29
C GLY B 463 6.00 7.25 26.75
N LEU B 464 6.61 8.30 27.26
CA LEU B 464 6.55 8.66 28.66
C LEU B 464 5.14 8.77 29.29
N GLU B 465 5.00 8.18 30.46
CA GLU B 465 3.84 8.37 31.31
C GLU B 465 4.28 8.96 32.65
N PHE B 466 3.38 9.69 33.31
CA PHE B 466 3.65 10.16 34.66
C PHE B 466 2.40 10.23 35.52
N TYR B 467 2.59 10.13 36.83
CA TYR B 467 1.50 10.16 37.78
C TYR B 467 1.66 11.42 38.60
N ARG B 468 0.77 12.38 38.37
CA ARG B 468 0.92 13.74 38.87
C ARG B 468 1.11 13.84 40.38
N PRO B 469 0.33 13.08 41.17
CA PRO B 469 0.53 13.13 42.62
C PRO B 469 1.94 12.72 43.06
N PHE B 470 2.70 11.99 42.26
CA PHE B 470 4.06 11.61 42.67
C PHE B 470 5.17 12.63 42.33
N LEU B 471 4.86 13.66 41.55
CA LEU B 471 5.91 14.58 41.11
C LEU B 471 6.55 15.31 42.29
N LYS B 472 7.88 15.45 42.27
CA LYS B 472 8.59 16.15 43.33
C LYS B 472 8.11 17.59 43.33
N GLU B 473 7.96 18.16 42.13
CA GLU B 473 7.25 19.44 42.01
C GLU B 473 6.15 19.40 40.95
N MSE B 474 4.90 19.43 41.40
CA MSE B 474 3.75 19.21 40.53
C MSE B 474 3.52 20.41 39.62
O MSE B 474 2.84 20.29 38.61
CB MSE B 474 2.48 18.96 41.35
CG MSE B 474 2.61 17.87 42.39
SE MSE B 474 0.92 17.52 43.29
CE MSE B 474 1.59 16.41 44.76
N ASN B 475 4.08 21.55 40.03
CA ASN B 475 3.92 22.80 39.31
C ASN B 475 5.05 23.06 38.31
N LYS B 476 6.06 22.20 38.29
CA LYS B 476 7.10 22.27 37.27
C LYS B 476 6.73 21.37 36.10
N CYS B 477 5.67 20.58 36.29
CA CYS B 477 5.11 19.74 35.23
C CYS B 477 4.71 20.58 34.02
N PRO B 478 5.22 20.22 32.83
CA PRO B 478 4.96 21.06 31.66
C PRO B 478 3.47 21.04 31.35
N ASP B 479 2.94 22.18 30.89
CA ASP B 479 1.52 22.26 30.67
C ASP B 479 1.29 22.04 29.19
N PHE B 480 0.85 20.84 28.86
CA PHE B 480 0.84 20.38 27.46
C PHE B 480 -0.26 21.06 26.66
N THR B 481 -1.33 21.44 27.36
CA THR B 481 -2.50 22.02 26.77
C THR B 481 -2.17 23.29 25.99
N LYS B 482 -1.09 23.94 26.38
CA LYS B 482 -0.64 25.14 25.68
C LYS B 482 0.18 24.92 24.39
N MSE B 483 0.71 23.70 24.23
CA MSE B 483 1.64 23.32 23.15
C MSE B 483 1.07 22.91 21.77
O MSE B 483 1.73 23.09 20.73
CB MSE B 483 2.52 22.18 23.63
CG MSE B 483 3.00 22.44 25.03
SE MSE B 483 4.47 21.28 25.45
CE MSE B 483 4.73 21.83 27.33
N HIS B 484 -0.08 22.26 21.78
CA HIS B 484 -0.73 21.85 20.56
C HIS B 484 -2.25 21.76 20.77
N LYS B 485 -3.00 22.14 19.75
CA LYS B 485 -4.45 22.07 19.80
C LYS B 485 -5.01 20.65 20.09
N THR B 486 -4.24 19.61 19.81
CA THR B 486 -4.70 18.24 20.13
C THR B 486 -4.69 17.92 21.63
N TYR B 487 -3.72 18.48 22.37
CA TYR B 487 -3.62 18.32 23.83
C TYR B 487 -4.74 19.07 24.55
N ALA B 488 -5.05 20.26 24.03
CA ALA B 488 -6.04 21.13 24.64
C ALA B 488 -7.47 20.58 24.49
N ASN B 489 -7.72 19.80 23.44
CA ASN B 489 -9.02 19.18 23.23
C ASN B 489 -9.07 17.74 23.75
N GLY B 490 -7.93 17.28 24.26
CA GLY B 490 -7.77 15.92 24.72
C GLY B 490 -8.30 15.65 26.12
N LYS B 491 -8.37 14.37 26.48
CA LYS B 491 -8.94 13.94 27.74
C LYS B 491 -7.90 13.18 28.58
N MSE B 492 -8.16 13.07 29.88
CA MSE B 492 -7.25 12.36 30.78
C MSE B 492 -6.94 10.93 30.33
O MSE B 492 -7.84 10.18 29.92
CB MSE B 492 -7.81 12.35 32.21
CG MSE B 492 -6.94 11.57 33.19
SE MSE B 492 -5.31 12.50 33.77
CE MSE B 492 -5.37 14.10 32.65
N ASN B 493 -5.66 10.58 30.44
CA ASN B 493 -5.11 9.28 29.99
C ASN B 493 -4.79 9.26 28.51
N ASP B 494 -5.17 10.32 27.81
CA ASP B 494 -4.93 10.40 26.37
C ASP B 494 -3.44 10.54 26.02
N PHE B 495 -2.77 11.48 26.67
CA PHE B 495 -1.35 11.68 26.44
C PHE B 495 -0.56 11.94 27.72
N PHE B 496 0.39 11.06 28.01
CA PHE B 496 1.45 11.25 29.00
C PHE B 496 1.01 11.19 30.45
N GLU B 497 -0.25 11.44 30.74
CA GLU B 497 -0.55 11.66 32.14
C GLU B 497 -1.60 10.68 32.52
N MSE B 498 -1.31 9.87 33.53
CA MSE B 498 -2.27 8.86 33.92
C MSE B 498 -2.90 9.21 35.23
O MSE B 498 -2.26 9.77 36.12
CB MSE B 498 -1.61 7.48 33.94
CG MSE B 498 -1.06 7.05 32.55
SE MSE B 498 -2.39 6.87 31.09
CE MSE B 498 -1.36 7.78 29.70
N ASP B 499 -4.19 8.92 35.34
CA ASP B 499 -4.94 9.22 36.56
C ASP B 499 -4.82 8.09 37.56
N ARG B 500 -4.30 6.95 37.11
CA ARG B 500 -4.17 5.77 37.96
C ARG B 500 -2.72 5.44 38.26
N ILE B 501 -2.47 5.16 39.54
CA ILE B 501 -1.12 4.84 40.00
C ILE B 501 -0.62 3.51 39.42
N GLU B 502 -1.55 2.64 39.00
CA GLU B 502 -1.16 1.36 38.39
C GLU B 502 -0.38 1.55 37.09
N CYS B 503 -0.55 2.73 36.47
N CYS B 503 -0.55 2.70 36.45
CA CYS B 503 0.23 3.06 35.27
CA CYS B 503 0.19 2.92 35.23
C CYS B 503 1.69 2.82 35.56
C CYS B 503 1.72 2.97 35.49
N LEU B 504 2.12 3.22 36.75
CA LEU B 504 3.55 3.12 37.11
C LEU B 504 4.01 1.68 37.32
N GLN B 505 3.21 0.93 38.07
CA GLN B 505 3.53 -0.47 38.26
C GLN B 505 3.57 -1.17 36.91
N GLU B 506 2.58 -0.93 36.06
CA GLU B 506 2.61 -1.62 34.78
C GLU B 506 3.81 -1.27 33.90
N MSE B 507 4.27 -0.01 33.91
CA MSE B 507 5.43 0.33 33.10
C MSE B 507 6.69 -0.41 33.57
O MSE B 507 7.57 -0.78 32.76
CB MSE B 507 5.68 1.83 33.07
CG MSE B 507 6.70 2.27 32.01
SE MSE B 507 5.97 2.19 30.18
CE MSE B 507 5.05 3.93 30.17
N VAL B 508 6.80 -0.61 34.87
CA VAL B 508 7.91 -1.39 35.38
C VAL B 508 7.81 -2.92 35.06
N LEU B 509 6.69 -3.54 35.42
CA LEU B 509 6.53 -4.97 35.29
C LEU B 509 6.50 -5.35 33.82
N ASP B 510 5.66 -4.65 33.07
CA ASP B 510 5.36 -4.94 31.67
C ASP B 510 6.43 -4.45 30.70
N ALA B 511 6.85 -3.21 30.82
CA ALA B 511 7.77 -2.72 29.81
C ALA B 511 9.22 -3.08 30.17
N LEU B 512 9.69 -2.60 31.30
CA LEU B 512 11.06 -2.90 31.72
C LEU B 512 11.38 -4.40 31.83
N PHE B 513 10.48 -5.17 32.45
CA PHE B 513 10.77 -6.55 32.84
C PHE B 513 10.25 -7.57 31.85
N LEU B 514 8.93 -7.72 31.79
CA LEU B 514 8.30 -8.70 30.94
C LEU B 514 8.80 -8.65 29.48
N PHE B 515 8.75 -7.51 28.82
CA PHE B 515 9.14 -7.46 27.38
C PHE B 515 10.61 -7.14 27.12
N ASN B 516 11.39 -6.87 28.16
CA ASN B 516 12.75 -6.49 27.94
C ASN B 516 13.78 -7.28 28.79
N VAL B 517 13.87 -6.98 30.08
CA VAL B 517 14.92 -7.55 30.94
C VAL B 517 14.70 -9.04 31.10
N GLY B 518 13.47 -9.47 30.94
CA GLY B 518 13.10 -10.86 31.06
C GLY B 518 13.70 -11.72 29.96
N GLU B 519 13.90 -11.14 28.78
CA GLU B 519 14.50 -11.87 27.67
C GLU B 519 15.93 -12.30 28.02
N LEU B 520 16.65 -11.46 28.74
CA LEU B 520 17.99 -11.84 29.23
C LEU B 520 17.93 -13.07 30.16
N ALA B 521 16.97 -13.10 31.09
CA ALA B 521 16.80 -14.25 31.96
C ALA B 521 16.59 -15.54 31.16
N PHE B 522 15.86 -15.46 30.07
CA PHE B 522 15.73 -16.60 29.18
C PHE B 522 17.06 -17.09 28.57
N VAL B 523 17.89 -16.13 28.15
CA VAL B 523 19.17 -16.44 27.55
C VAL B 523 20.09 -17.06 28.59
N LEU B 524 20.10 -16.51 29.79
CA LEU B 524 20.96 -17.04 30.82
C LEU B 524 20.56 -18.46 31.18
N ALA B 525 19.25 -18.71 31.36
CA ALA B 525 18.76 -20.07 31.64
C ALA B 525 19.10 -21.08 30.53
N ASP B 526 18.82 -20.73 29.28
CA ASP B 526 18.96 -21.75 28.26
C ASP B 526 20.39 -21.96 27.77
N LYS B 527 21.19 -20.90 27.76
CA LYS B 527 22.59 -21.00 27.42
C LYS B 527 23.58 -21.38 28.54
N TYR B 528 23.39 -20.78 29.69
CA TYR B 528 24.24 -21.02 30.84
C TYR B 528 23.69 -21.85 32.00
N GLU B 529 22.44 -22.29 31.91
CA GLU B 529 21.85 -23.02 33.04
C GLU B 529 21.75 -22.15 34.28
N TRP B 530 21.70 -20.84 34.10
CA TRP B 530 21.37 -19.95 35.20
C TRP B 530 19.85 -19.98 35.34
N LYS B 531 19.39 -20.40 36.51
CA LYS B 531 17.99 -20.62 36.77
C LYS B 531 17.26 -19.29 36.81
N GLU B 532 16.03 -19.30 36.31
CA GLU B 532 15.21 -18.10 36.27
C GLU B 532 14.92 -17.60 37.67
N GLU B 533 14.65 -18.54 38.59
CA GLU B 533 14.48 -18.23 40.01
C GLU B 533 15.65 -17.42 40.58
N SER B 534 16.88 -17.85 40.33
CA SER B 534 18.08 -17.12 40.77
C SER B 534 18.14 -15.72 40.15
N PHE B 535 17.87 -15.64 38.85
CA PHE B 535 17.84 -14.36 38.15
C PHE B 535 16.90 -13.39 38.92
N TRP B 536 15.66 -13.81 39.17
CA TRP B 536 14.70 -12.92 39.81
C TRP B 536 15.02 -12.64 41.27
N MSE B 537 15.62 -13.63 41.93
N MSE B 537 15.66 -13.60 41.94
CA MSE B 537 16.15 -13.44 43.27
CA MSE B 537 16.07 -13.37 43.31
C MSE B 537 17.02 -12.20 43.27
C MSE B 537 17.20 -12.34 43.40
O MSE B 537 16.85 -11.30 44.07
O MSE B 537 17.40 -11.74 44.44
CB MSE B 537 17.00 -14.65 43.68
CB MSE B 537 16.45 -14.68 44.00
CG MSE B 537 17.83 -14.46 44.95
CG MSE B 537 15.24 -15.57 44.36
SE MSE B 537 18.94 -16.03 45.43
SE MSE B 537 15.70 -17.04 45.57
CE MSE B 537 20.52 -15.63 44.35
CE MSE B 537 16.67 -18.20 44.35
N ILE B 538 17.94 -12.16 42.32
CA ILE B 538 18.97 -11.13 42.30
C ILE B 538 18.34 -9.78 42.06
N VAL B 539 17.34 -9.77 41.18
CA VAL B 539 16.62 -8.55 40.88
C VAL B 539 15.94 -8.01 42.14
N VAL B 540 15.22 -8.88 42.86
CA VAL B 540 14.67 -8.47 44.14
C VAL B 540 15.72 -7.92 45.14
N GLU B 541 16.80 -8.65 45.38
CA GLU B 541 17.83 -8.19 46.30
C GLU B 541 18.31 -6.77 45.96
N GLU B 542 18.59 -6.55 44.68
CA GLU B 542 19.09 -5.26 44.24
C GLU B 542 18.09 -4.11 44.42
N ILE B 543 16.82 -4.37 44.15
CA ILE B 543 15.78 -3.38 44.35
C ILE B 543 15.77 -3.09 45.85
N GLU B 544 15.71 -4.14 46.66
CA GLU B 544 15.68 -3.96 48.12
C GLU B 544 16.90 -3.20 48.63
N ASN B 545 18.10 -3.52 48.11
N ASN B 545 18.08 -3.54 48.10
CA ASN B 545 19.32 -2.82 48.55
CA ASN B 545 19.32 -2.89 48.50
C ASN B 545 19.23 -1.32 48.28
C ASN B 545 19.27 -1.37 48.24
N HIS B 546 18.70 -0.97 47.10
CA HIS B 546 18.56 0.44 46.73
C HIS B 546 17.62 1.16 47.68
N PHE B 547 16.40 0.64 47.80
CA PHE B 547 15.37 1.32 48.57
C PHE B 547 15.59 1.30 50.08
N ARG B 548 16.45 0.40 50.52
N ARG B 548 16.45 0.42 50.56
CA ARG B 548 16.94 0.40 51.90
CA ARG B 548 16.81 0.47 51.97
C ARG B 548 17.53 1.76 52.23
C ARG B 548 17.66 1.72 52.29
N LYS B 549 18.21 2.33 51.25
CA LYS B 549 18.92 3.60 51.41
C LYS B 549 18.01 4.84 51.35
N TYR B 550 16.73 4.66 51.03
CA TYR B 550 15.81 5.79 50.95
C TYR B 550 14.49 5.50 51.68
N PRO B 551 14.52 5.52 53.03
CA PRO B 551 13.37 5.28 53.90
C PRO B 551 12.19 6.20 53.57
N HIS B 552 12.49 7.44 53.19
CA HIS B 552 11.41 8.36 52.84
C HIS B 552 10.60 7.84 51.65
N LEU B 553 11.16 6.89 50.90
CA LEU B 553 10.46 6.35 49.75
C LEU B 553 9.67 5.08 50.07
N LYS B 554 9.73 4.62 51.32
CA LYS B 554 9.18 3.30 51.64
C LYS B 554 7.71 3.18 51.28
N ASP B 555 6.90 4.13 51.71
CA ASP B 555 5.46 4.00 51.55
C ASP B 555 5.07 4.19 50.10
N ARG B 556 5.88 4.95 49.38
CA ARG B 556 5.69 5.17 47.95
C ARG B 556 6.02 3.89 47.21
N PHE B 557 7.14 3.28 47.60
CA PHE B 557 7.59 2.03 47.02
C PHE B 557 6.56 0.93 47.27
N GLU B 558 6.04 0.86 48.48
CA GLU B 558 5.03 -0.13 48.76
C GLU B 558 3.79 0.06 47.90
N SER B 559 3.32 1.29 47.77
CA SER B 559 2.05 1.54 47.08
C SER B 559 2.06 1.17 45.59
N ILE B 560 3.26 1.15 45.03
CA ILE B 560 3.48 0.79 43.64
C ILE B 560 3.30 -0.73 43.41
N GLN B 561 3.51 -1.54 44.45
CA GLN B 561 3.25 -2.98 44.39
C GLN B 561 4.02 -3.75 43.29
N LEU B 562 5.34 -3.62 43.25
CA LEU B 562 6.13 -4.34 42.29
C LEU B 562 6.19 -5.83 42.61
N TYR B 563 5.85 -6.17 43.85
CA TYR B 563 5.87 -7.57 44.32
C TYR B 563 4.49 -8.22 44.25
N THR B 564 3.52 -7.53 43.65
CA THR B 564 2.18 -8.14 43.56
C THR B 564 2.27 -9.51 42.87
N PRO B 565 1.44 -10.45 43.31
CA PRO B 565 1.44 -11.84 42.82
C PRO B 565 1.14 -11.92 41.33
N THR B 566 0.14 -11.18 40.89
CA THR B 566 -0.27 -11.19 39.49
C THR B 566 -0.53 -9.76 39.06
N PHE B 567 -0.39 -9.49 37.76
CA PHE B 567 -0.81 -8.21 37.22
C PHE B 567 -1.24 -8.36 35.77
N TYR B 568 -1.71 -7.26 35.19
CA TYR B 568 -2.29 -7.25 33.86
C TYR B 568 -1.31 -6.71 32.84
N ALA B 569 -0.85 -7.61 31.97
CA ALA B 569 0.03 -7.28 30.85
C ALA B 569 -0.74 -7.06 29.52
N GLU B 570 -0.26 -6.12 28.72
CA GLU B 570 -0.79 -5.84 27.40
C GLU B 570 -0.85 -7.09 26.56
N GLN B 571 -1.93 -7.27 25.82
CA GLN B 571 -1.92 -8.32 24.82
C GLN B 571 -1.66 -7.66 23.48
N LEU B 572 -0.44 -7.78 22.99
CA LEU B 572 -0.01 -7.04 21.79
C LEU B 572 -0.46 -7.70 20.49
N THR B 573 -0.37 -9.02 20.43
CA THR B 573 -0.84 -9.75 19.28
C THR B 573 -2.37 -9.66 19.17
N LYS B 574 -3.09 -9.81 20.28
CA LYS B 574 -4.54 -9.78 20.20
C LYS B 574 -5.03 -8.52 19.46
N ARG B 575 -4.29 -7.43 19.69
CA ARG B 575 -4.69 -6.16 19.11
C ARG B 575 -4.68 -6.15 17.58
N ARG B 576 -3.88 -7.03 16.98
CA ARG B 576 -3.73 -7.10 15.54
C ARG B 576 -4.81 -7.93 14.89
N LEU B 577 -5.53 -8.71 15.70
CA LEU B 577 -6.65 -9.52 15.19
C LEU B 577 -8.07 -8.99 15.38
N TYR B 578 -8.25 -7.84 16.03
CA TYR B 578 -9.60 -7.30 16.32
C TYR B 578 -9.69 -5.81 16.04
N ILE B 579 -10.83 -5.36 15.51
CA ILE B 579 -11.07 -3.94 15.37
C ILE B 579 -11.30 -3.43 16.78
N ASP B 580 -12.28 -4.04 17.42
CA ASP B 580 -12.73 -3.63 18.74
C ASP B 580 -12.67 -4.85 19.63
N VAL B 581 -12.32 -4.65 20.89
CA VAL B 581 -12.34 -5.72 21.86
C VAL B 581 -12.53 -5.18 23.27
N GLU B 582 -12.95 -6.02 24.19
CA GLU B 582 -13.26 -5.55 25.54
C GLU B 582 -12.03 -5.21 26.39
N SER B 583 -10.98 -6.02 26.29
CA SER B 583 -9.85 -5.93 27.25
C SER B 583 -8.49 -5.40 26.72
N LEU B 584 -7.78 -6.21 25.92
CA LEU B 584 -6.37 -5.94 25.57
C LEU B 584 -5.34 -6.29 26.65
N VAL B 585 -5.81 -6.82 27.76
CA VAL B 585 -4.95 -7.07 28.89
C VAL B 585 -5.14 -8.52 29.34
N HIS B 586 -4.10 -9.17 29.83
CA HIS B 586 -4.31 -10.50 30.41
C HIS B 586 -3.46 -10.68 31.66
N GLU B 587 -3.93 -11.52 32.56
CA GLU B 587 -3.31 -11.69 33.85
C GLU B 587 -2.17 -12.67 33.78
N VAL B 588 -1.01 -12.28 34.30
CA VAL B 588 0.19 -13.11 34.27
C VAL B 588 0.82 -13.19 35.66
N PRO B 589 1.51 -14.29 35.96
CA PRO B 589 2.12 -14.33 37.29
C PRO B 589 3.35 -13.42 37.32
N ASN B 590 3.68 -12.95 38.52
CA ASN B 590 4.82 -12.05 38.66
C ASN B 590 6.00 -12.76 39.36
N PRO B 591 7.10 -12.97 38.62
CA PRO B 591 8.22 -13.69 39.25
C PRO B 591 8.83 -12.89 40.42
N LEU B 592 8.66 -11.57 40.47
CA LEU B 592 9.22 -10.83 41.62
C LEU B 592 8.52 -11.24 42.90
N TYR B 593 7.28 -11.70 42.80
CA TYR B 593 6.55 -12.09 43.99
C TYR B 593 7.16 -13.26 44.74
N ARG B 594 7.41 -14.36 44.05
CA ARG B 594 7.95 -15.53 44.72
C ARG B 594 9.38 -15.26 45.15
N ALA B 595 10.12 -14.58 44.29
CA ALA B 595 11.48 -14.25 44.62
C ALA B 595 11.54 -13.45 45.95
N ARG B 596 10.66 -12.47 46.10
CA ARG B 596 10.60 -11.72 47.37
C ARG B 596 10.21 -12.61 48.56
N GLN B 597 9.24 -13.48 48.38
CA GLN B 597 8.90 -14.47 49.40
C GLN B 597 10.14 -15.19 49.88
N LEU B 598 11.00 -15.59 48.95
CA LEU B 598 12.20 -16.34 49.30
C LEU B 598 13.29 -15.45 49.90
N ASN B 599 13.53 -14.29 49.28
CA ASN B 599 14.44 -13.28 49.82
C ASN B 599 14.09 -12.97 51.29
N ILE B 600 12.80 -13.04 51.61
CA ILE B 600 12.35 -12.85 52.99
C ILE B 600 12.79 -14.00 53.90
N GLN B 601 12.90 -15.21 53.35
CA GLN B 601 13.28 -16.38 54.14
C GLN B 601 14.70 -16.35 54.70
N LYS B 602 15.48 -15.35 54.31
CA LYS B 602 16.83 -15.24 54.84
C LYS B 602 16.81 -14.81 56.31
N SER B 603 15.90 -13.91 56.66
CA SER B 603 15.82 -13.39 58.04
C SER B 603 14.52 -13.80 58.73
CL CL C . 1.57 0.36 -28.14
C1 EDO D . 6.47 -28.10 -5.61
O1 EDO D . 7.30 -29.11 -6.18
C2 EDO D . 5.13 -28.71 -5.21
O2 EDO D . 4.20 -27.68 -4.86
PB ATP E . 11.66 4.76 17.24
O1B ATP E . 11.79 5.28 15.82
O2B ATP E . 10.43 5.37 17.88
O3B ATP E . 12.96 5.12 18.05
PA ATP E . 10.37 2.47 16.57
O1A ATP E . 9.82 3.34 15.45
O2A ATP E . 9.31 2.13 17.61
O3A ATP E . 11.54 3.21 17.26
O5' ATP E . 10.90 1.15 15.91
C5' ATP E . 11.96 0.46 16.47
C4' ATP E . 12.13 -0.89 16.06
O4' ATP E . 12.94 -1.61 17.05
C3' ATP E . 10.82 -1.59 16.01
O3' ATP E . 10.59 -2.06 14.75
C2' ATP E . 10.96 -2.71 16.98
O2' ATP E . 10.30 -3.81 16.53
C1' ATP E . 12.43 -2.91 17.02
N9 ATP E . 12.91 -3.71 18.11
C8 ATP E . 13.74 -4.77 17.97
N7 ATP E . 13.99 -5.27 19.19
C5 ATP E . 13.33 -4.54 20.11
C6 ATP E . 13.23 -4.62 21.51
N6 ATP E . 13.94 -5.65 22.21
N1 ATP E . 12.47 -3.71 22.16
C2 ATP E . 11.81 -2.75 21.50
N3 ATP E . 11.87 -2.65 20.14
C4 ATP E . 12.63 -3.52 19.43
MG MG F . 11.95 3.55 20.36
C1 EDO G . 1.63 29.22 0.42
O1 EDO G . 1.39 30.40 1.21
C2 EDO G . 1.48 27.98 1.31
O2 EDO G . 0.19 27.38 1.20
C1 EDO H . 21.55 -21.86 39.96
O1 EDO H . 20.28 -21.79 39.33
C2 EDO H . 22.41 -20.78 39.32
O2 EDO H . 23.75 -21.29 39.32
CL CL I . 30.25 -18.77 31.46
#